data_4PYV
#
_entry.id   4PYV
#
_cell.length_a   141.898
_cell.length_b   141.898
_cell.length_c   141.898
_cell.angle_alpha   90.00
_cell.angle_beta   90.00
_cell.angle_gamma   90.00
#
_symmetry.space_group_name_H-M   'P 21 3'
#
loop_
_entity.id
_entity.type
_entity.pdbx_description
1 polymer Renin
2 non-polymer 2-acetamido-2-deoxy-beta-D-glucopyranose
3 non-polymer 'tert-butyl {(3S,5R)-5-[cyclopropyl(2,3-dichlorobenzyl)carbamoyl]piperidin-3-yl}carbamate'
4 non-polymer 'DIMETHYL SULFOXIDE'
5 non-polymer 'SULFATE ION'
6 water water
#
_entity_poly.entity_id   1
_entity_poly.type   'polypeptide(L)'
_entity_poly.pdbx_seq_one_letter_code
;LTLGNTTSSVILTNYMDTQYYGEIGIGTPPQTFKVVFDTGSSNVWVPSSKCSRLYTACVYHKLFDASDSSSYKHNGTELT
LRYSTGTVSGFLSQDIITVGGITVTQMFGEVTEMPALPFMLAEFDGVVGMGFIEQAIGRVTPIFDNIISQGVLKEDVFSF
YYNRDSENSQSLGGQIVLGGSDPQHYEGNFHYINLIKTGVWQIQMKGVSVGSSTLLCEDGCLALVDTGASYISGSTSSIE
KLMEALGAKKRLFDYVVKCNEGPTLPDISFHLGGKEYTLTSADYVFQESYSSKKLCTLAIHAMDIPPPTGPTWALGATFI
RKFYTEFDRRNNRIGFALAR
;
_entity_poly.pdbx_strand_id   A,B
#
loop_
_chem_comp.id
_chem_comp.type
_chem_comp.name
_chem_comp.formula
2XF non-polymer 'tert-butyl {(3S,5R)-5-[cyclopropyl(2,3-dichlorobenzyl)carbamoyl]piperidin-3-yl}carbamate' 'C21 H29 Cl2 N3 O3'
DMS non-polymer 'DIMETHYL SULFOXIDE' 'C2 H6 O S'
NAG D-saccharide, beta linking 2-acetamido-2-deoxy-beta-D-glucopyranose 'C8 H15 N O6'
SO4 non-polymer 'SULFATE ION' 'O4 S -2'
#
# COMPACT_ATOMS: atom_id res chain seq x y z
N LEU A 3 7.34 -34.22 10.31
CA LEU A 3 6.59 -33.29 9.46
C LEU A 3 5.33 -33.92 8.82
N GLY A 4 4.21 -33.19 8.91
CA GLY A 4 2.91 -33.55 8.36
C GLY A 4 2.59 -32.83 7.05
N ASN A 5 1.29 -32.66 6.76
CA ASN A 5 0.78 -32.02 5.53
C ASN A 5 -0.32 -30.97 5.88
N THR A 6 -0.15 -30.24 7.01
CA THR A 6 -1.12 -29.23 7.46
C THR A 6 -0.51 -27.83 7.47
N THR A 7 -1.24 -26.89 6.85
CA THR A 7 -0.89 -25.47 6.79
C THR A 7 -2.14 -24.75 7.17
N SER A 8 -2.24 -24.28 8.42
CA SER A 8 -3.42 -23.57 8.85
C SER A 8 -3.19 -22.05 8.91
N SER A 9 -4.27 -21.26 8.81
CA SER A 9 -4.23 -19.80 8.78
C SER A 9 -5.13 -19.17 9.82
N VAL A 10 -4.71 -18.00 10.34
CA VAL A 10 -5.52 -17.23 11.29
C VAL A 10 -5.85 -15.91 10.66
N ILE A 11 -7.12 -15.61 10.49
CA ILE A 11 -7.53 -14.33 9.91
C ILE A 11 -7.34 -13.28 11.00
N LEU A 12 -6.75 -12.12 10.62
CA LEU A 12 -6.51 -11.02 11.53
C LEU A 12 -7.42 -9.82 11.21
N THR A 13 -7.69 -9.02 12.25
CA THR A 13 -8.47 -7.80 12.17
C THR A 13 -7.46 -6.67 12.26
N ASN A 14 -7.56 -5.70 11.33
CA ASN A 14 -6.67 -4.55 11.33
C ASN A 14 -7.40 -3.42 12.05
N TYR A 15 -6.91 -3.04 13.22
CA TYR A 15 -7.46 -1.93 13.97
C TYR A 15 -6.55 -0.74 13.80
N MET A 16 -7.01 0.23 13.00
CA MET A 16 -6.35 1.52 12.78
C MET A 16 -4.90 1.48 12.27
N ASP A 17 -4.44 0.34 11.68
CA ASP A 17 -3.08 0.13 11.17
C ASP A 17 -2.02 0.02 12.28
N THR A 18 -2.46 -0.13 13.53
CA THR A 18 -1.60 -0.24 14.71
C THR A 18 -1.78 -1.55 15.43
N GLN A 19 -2.98 -2.17 15.36
CA GLN A 19 -3.17 -3.45 16.05
C GLN A 19 -3.75 -4.42 15.09
N TYR A 20 -3.14 -5.60 15.02
CA TYR A 20 -3.55 -6.71 14.18
C TYR A 20 -3.80 -7.88 15.08
N TYR A 21 -5.06 -8.28 15.22
CA TYR A 21 -5.36 -9.38 16.13
C TYR A 21 -6.29 -10.43 15.54
N GLY A 22 -6.06 -11.69 15.91
CA GLY A 22 -6.91 -12.82 15.55
C GLY A 22 -7.55 -13.44 16.80
N GLU A 23 -8.33 -14.50 16.59
CA GLU A 23 -8.99 -15.20 17.68
C GLU A 23 -8.34 -16.52 18.00
N ILE A 24 -8.24 -16.80 19.31
CA ILE A 24 -7.80 -18.09 19.86
C ILE A 24 -8.87 -18.51 20.90
N GLY A 25 -9.03 -19.80 21.14
CA GLY A 25 -9.99 -20.32 22.10
C GLY A 25 -9.27 -21.08 23.19
N ILE A 26 -9.56 -20.73 24.46
CA ILE A 26 -8.90 -21.34 25.63
C ILE A 26 -9.93 -22.06 26.50
N GLY A 27 -9.68 -23.35 26.73
CA GLY A 27 -10.49 -24.20 27.59
C GLY A 27 -11.58 -25.03 26.97
N THR A 28 -12.28 -25.82 27.83
CA THR A 28 -13.43 -26.67 27.47
C THR A 28 -14.63 -26.25 28.32
N PRO A 29 -15.70 -25.66 27.73
CA PRO A 29 -15.86 -25.27 26.31
C PRO A 29 -14.92 -24.08 26.02
N PRO A 30 -14.61 -23.75 24.76
CA PRO A 30 -13.67 -22.66 24.51
C PRO A 30 -14.14 -21.28 24.91
N GLN A 31 -13.21 -20.50 25.55
CA GLN A 31 -13.40 -19.10 25.90
C GLN A 31 -12.53 -18.37 24.84
N THR A 32 -13.12 -17.49 24.03
CA THR A 32 -12.39 -16.84 22.96
C THR A 32 -11.78 -15.50 23.36
N PHE A 33 -10.57 -15.25 22.86
CA PHE A 33 -9.83 -14.02 23.12
C PHE A 33 -9.28 -13.50 21.81
N LYS A 34 -9.25 -12.17 21.70
CA LYS A 34 -8.64 -11.43 20.60
C LYS A 34 -7.17 -11.31 21.01
N VAL A 35 -6.27 -11.79 20.15
CA VAL A 35 -4.83 -11.76 20.50
C VAL A 35 -3.91 -11.23 19.40
N VAL A 36 -2.83 -10.60 19.84
CA VAL A 36 -1.76 -10.14 18.98
C VAL A 36 -0.70 -11.28 18.89
N PHE A 37 -0.29 -11.66 17.67
CA PHE A 37 0.74 -12.70 17.44
C PHE A 37 2.07 -11.97 17.30
N ASP A 38 2.84 -11.95 18.40
CA ASP A 38 4.07 -11.19 18.66
C ASP A 38 5.40 -11.96 18.49
N THR A 39 6.18 -11.64 17.44
CA THR A 39 7.49 -12.28 17.22
C THR A 39 8.59 -11.71 18.18
N GLY A 40 8.32 -10.57 18.80
CA GLY A 40 9.23 -9.97 19.76
C GLY A 40 9.12 -10.46 21.20
N SER A 41 8.24 -11.45 21.46
CA SER A 41 7.99 -12.07 22.78
C SER A 41 7.63 -13.55 22.62
N SER A 42 7.72 -14.34 23.69
CA SER A 42 7.50 -15.80 23.58
C SER A 42 6.46 -16.40 24.53
N ASN A 43 5.80 -15.56 25.32
CA ASN A 43 4.79 -16.00 26.26
C ASN A 43 3.37 -15.77 25.73
N VAL A 44 2.45 -16.67 26.12
CA VAL A 44 1.02 -16.56 25.85
C VAL A 44 0.42 -16.03 27.16
N TRP A 45 -0.44 -15.03 27.07
CA TRP A 45 -1.13 -14.46 28.23
C TRP A 45 -2.43 -13.84 27.83
N VAL A 46 -3.45 -13.96 28.69
CA VAL A 46 -4.76 -13.32 28.51
C VAL A 46 -5.17 -12.71 29.85
N PRO A 47 -6.06 -11.69 29.90
CA PRO A 47 -6.51 -11.20 31.21
C PRO A 47 -7.28 -12.29 31.97
N SER A 48 -7.12 -12.33 33.30
CA SER A 48 -7.74 -13.34 34.17
C SER A 48 -8.99 -12.82 34.88
N SER A 49 -9.88 -13.76 35.27
CA SER A 49 -11.09 -13.41 36.04
C SER A 49 -10.65 -13.02 37.44
N LYS A 50 -9.43 -13.44 37.84
CA LYS A 50 -8.81 -13.14 39.13
C LYS A 50 -8.19 -11.71 39.17
N CYS A 51 -8.42 -10.93 38.10
CA CYS A 51 -7.96 -9.55 38.04
C CYS A 51 -8.95 -8.68 38.80
N SER A 52 -8.43 -7.76 39.64
CA SER A 52 -9.31 -6.88 40.42
C SER A 52 -10.01 -5.87 39.52
N ARG A 53 -11.31 -5.62 39.79
CA ARG A 53 -12.14 -4.66 39.05
C ARG A 53 -11.69 -3.21 39.21
N LEU A 54 -10.68 -2.94 40.06
CA LEU A 54 -10.09 -1.60 40.21
C LEU A 54 -9.17 -1.28 39.00
N TYR A 55 -8.63 -2.34 38.29
CA TYR A 55 -7.86 -2.20 37.03
C TYR A 55 -8.92 -2.05 35.95
N THR A 56 -9.15 -0.80 35.50
CA THR A 56 -10.16 -0.44 34.51
C THR A 56 -9.89 -1.18 33.16
N ALA A 57 -8.60 -1.58 32.87
CA ALA A 57 -8.25 -2.34 31.67
C ALA A 57 -8.94 -3.72 31.69
N CYS A 58 -8.99 -4.36 32.89
CA CYS A 58 -9.61 -5.67 33.08
C CYS A 58 -11.12 -5.67 32.89
N VAL A 59 -11.78 -4.58 33.29
CA VAL A 59 -13.22 -4.39 33.13
C VAL A 59 -13.60 -4.27 31.64
N TYR A 60 -12.64 -3.86 30.79
CA TYR A 60 -12.84 -3.63 29.36
C TYR A 60 -12.25 -4.71 28.42
N HIS A 61 -11.89 -5.87 28.96
CA HIS A 61 -11.34 -7.00 28.19
C HIS A 61 -11.96 -8.32 28.63
N LYS A 62 -11.94 -9.29 27.73
CA LYS A 62 -12.43 -10.63 27.98
C LYS A 62 -11.47 -11.23 29.04
N LEU A 63 -12.03 -11.90 30.07
CA LEU A 63 -11.24 -12.51 31.16
C LEU A 63 -11.38 -14.00 31.13
N PHE A 64 -10.26 -14.71 31.29
CA PHE A 64 -10.28 -16.16 31.36
C PHE A 64 -10.71 -16.59 32.74
N ASP A 65 -11.69 -17.50 32.79
CA ASP A 65 -12.19 -18.09 34.04
C ASP A 65 -11.89 -19.57 34.02
N ALA A 66 -10.99 -20.00 34.90
CA ALA A 66 -10.57 -21.41 34.99
C ALA A 66 -11.70 -22.29 35.56
N SER A 67 -12.59 -21.70 36.37
CA SER A 67 -13.75 -22.37 36.98
C SER A 67 -14.76 -22.89 35.92
N ASP A 68 -14.72 -22.34 34.70
CA ASP A 68 -15.57 -22.77 33.59
C ASP A 68 -14.91 -23.67 32.61
N SER A 69 -13.67 -24.12 32.91
CA SER A 69 -12.94 -25.01 32.00
C SER A 69 -12.63 -26.36 32.62
N SER A 70 -13.10 -27.45 31.97
CA SER A 70 -12.92 -28.81 32.46
C SER A 70 -11.53 -29.38 32.12
N SER A 71 -10.84 -28.74 31.14
CA SER A 71 -9.51 -29.13 30.66
C SER A 71 -8.37 -28.38 31.39
N TYR A 72 -8.69 -27.40 32.23
CA TYR A 72 -7.75 -26.61 33.01
C TYR A 72 -6.96 -27.45 33.98
N LYS A 73 -5.67 -27.08 34.17
CA LYS A 73 -4.69 -27.68 35.06
C LYS A 73 -3.97 -26.52 35.71
N HIS A 74 -4.06 -26.46 37.03
CA HIS A 74 -3.45 -25.42 37.86
C HIS A 74 -1.92 -25.53 37.87
N ASN A 75 -1.25 -24.36 37.96
CA ASN A 75 0.20 -24.21 38.12
C ASN A 75 0.41 -23.18 39.22
N GLY A 76 0.12 -21.93 38.97
CA GLY A 76 0.19 -20.91 40.00
C GLY A 76 1.48 -20.14 40.10
N THR A 77 2.56 -20.58 39.41
CA THR A 77 3.85 -19.88 39.40
C THR A 77 3.63 -18.41 38.93
N GLU A 78 4.18 -17.43 39.66
CA GLU A 78 4.08 -16.01 39.32
C GLU A 78 4.75 -15.75 38.00
N LEU A 79 4.34 -14.68 37.31
CA LEU A 79 4.86 -14.29 36.02
C LEU A 79 4.77 -12.79 35.95
N THR A 80 5.89 -12.15 35.65
CA THR A 80 6.00 -10.71 35.46
C THR A 80 6.57 -10.51 34.08
N LEU A 81 5.88 -9.69 33.28
CA LEU A 81 6.27 -9.38 31.91
C LEU A 81 6.46 -7.90 31.82
N ARG A 82 7.72 -7.48 31.66
CA ARG A 82 8.05 -6.06 31.56
C ARG A 82 8.19 -5.74 30.10
N TYR A 83 7.19 -5.07 29.57
CA TYR A 83 7.13 -4.68 28.17
C TYR A 83 7.72 -3.27 28.03
N SER A 84 8.21 -2.96 26.81
CA SER A 84 8.76 -1.65 26.48
C SER A 84 7.69 -0.54 26.58
N THR A 85 6.39 -0.92 26.44
CA THR A 85 5.19 -0.07 26.51
C THR A 85 4.55 -0.06 27.92
N GLY A 86 4.76 -1.11 28.70
CA GLY A 86 4.17 -1.25 30.03
C GLY A 86 4.57 -2.52 30.76
N THR A 87 3.69 -3.05 31.66
CA THR A 87 3.99 -4.24 32.47
C THR A 87 2.74 -5.04 32.88
N VAL A 88 2.84 -6.38 32.87
CA VAL A 88 1.75 -7.22 33.27
C VAL A 88 2.24 -8.28 34.23
N SER A 89 1.48 -8.50 35.29
CA SER A 89 1.76 -9.53 36.29
C SER A 89 0.54 -10.45 36.37
N GLY A 90 0.83 -11.72 36.62
CA GLY A 90 -0.16 -12.76 36.79
C GLY A 90 0.48 -14.04 37.22
N PHE A 91 -0.11 -15.19 36.87
CA PHE A 91 0.39 -16.51 37.25
C PHE A 91 0.16 -17.49 36.10
N LEU A 92 0.85 -18.61 36.10
CA LEU A 92 0.72 -19.58 35.04
C LEU A 92 -0.41 -20.60 35.22
N SER A 93 -0.94 -21.05 34.07
CA SER A 93 -2.05 -22.00 33.98
C SER A 93 -1.88 -22.79 32.70
N GLN A 94 -2.41 -24.00 32.70
CA GLN A 94 -2.35 -24.85 31.51
C GLN A 94 -3.77 -25.19 31.12
N ASP A 95 -4.04 -25.11 29.82
CA ASP A 95 -5.31 -25.45 29.24
C ASP A 95 -5.16 -25.72 27.77
N ILE A 96 -6.20 -26.27 27.15
CA ILE A 96 -6.25 -26.54 25.72
C ILE A 96 -6.47 -25.20 24.99
N ILE A 97 -5.61 -24.89 23.99
CA ILE A 97 -5.70 -23.66 23.17
C ILE A 97 -5.91 -24.03 21.72
N THR A 98 -6.92 -23.42 21.07
CA THR A 98 -7.18 -23.61 19.62
C THR A 98 -6.76 -22.34 18.86
N VAL A 99 -5.90 -22.55 17.85
CA VAL A 99 -5.38 -21.54 16.94
C VAL A 99 -5.41 -22.09 15.50
N GLY A 100 -6.39 -21.62 14.74
CA GLY A 100 -6.60 -22.00 13.35
C GLY A 100 -6.82 -23.47 13.09
N GLY A 101 -7.65 -24.10 13.91
CA GLY A 101 -7.94 -25.51 13.74
C GLY A 101 -6.91 -26.46 14.33
N ILE A 102 -5.80 -25.92 14.89
CA ILE A 102 -4.77 -26.68 15.58
C ILE A 102 -5.07 -26.52 17.06
N THR A 103 -5.09 -27.65 17.79
CA THR A 103 -5.36 -27.72 19.23
C THR A 103 -4.08 -28.21 19.91
N VAL A 104 -3.64 -27.44 20.89
CA VAL A 104 -2.40 -27.71 21.62
C VAL A 104 -2.62 -27.52 23.11
N THR A 105 -1.98 -28.38 23.94
CA THR A 105 -2.02 -28.18 25.39
C THR A 105 -0.93 -27.14 25.64
N GLN A 106 -1.31 -26.01 26.22
CA GLN A 106 -0.46 -24.87 26.41
C GLN A 106 -0.43 -24.23 27.80
N MET A 107 0.77 -23.88 28.25
CA MET A 107 1.00 -23.15 29.49
C MET A 107 0.99 -21.67 29.13
N PHE A 108 0.20 -20.88 29.84
CA PHE A 108 0.03 -19.46 29.57
C PHE A 108 -0.17 -18.73 30.89
N GLY A 109 -0.07 -17.41 30.85
CA GLY A 109 -0.26 -16.56 32.01
C GLY A 109 -1.67 -15.99 32.09
N GLU A 110 -2.26 -16.08 33.27
CA GLU A 110 -3.53 -15.49 33.63
C GLU A 110 -3.12 -14.17 34.28
N VAL A 111 -3.34 -13.04 33.57
CA VAL A 111 -2.90 -11.74 34.03
C VAL A 111 -3.87 -11.14 35.02
N THR A 112 -3.33 -10.72 36.21
CA THR A 112 -4.11 -10.12 37.30
C THR A 112 -3.80 -8.62 37.52
N GLU A 113 -2.71 -8.10 36.94
CA GLU A 113 -2.34 -6.67 37.05
C GLU A 113 -2.11 -6.14 35.64
N MET A 114 -3.06 -5.35 35.16
CA MET A 114 -3.11 -4.83 33.78
C MET A 114 -3.35 -3.34 33.84
N PRO A 115 -2.26 -2.54 33.71
CA PRO A 115 -2.39 -1.08 33.82
C PRO A 115 -3.20 -0.46 32.72
N ALA A 116 -4.06 0.47 33.11
CA ALA A 116 -4.95 1.23 32.24
C ALA A 116 -4.13 1.76 31.10
N LEU A 117 -3.15 2.62 31.37
CA LEU A 117 -2.26 3.08 30.31
C LEU A 117 -1.16 2.04 30.24
N PRO A 118 -0.97 1.22 29.19
CA PRO A 118 -1.54 1.31 27.82
C PRO A 118 -2.74 0.40 27.44
N PHE A 119 -3.10 -0.56 28.30
CA PHE A 119 -4.09 -1.58 27.97
C PHE A 119 -5.54 -1.07 27.83
N MET A 120 -5.83 0.21 28.12
CA MET A 120 -7.16 0.76 27.88
C MET A 120 -7.28 1.12 26.37
N LEU A 121 -6.14 1.14 25.64
CA LEU A 121 -6.06 1.42 24.20
C LEU A 121 -6.05 0.16 23.37
N ALA A 122 -5.83 -0.99 24.04
CA ALA A 122 -5.77 -2.30 23.37
C ALA A 122 -7.18 -2.78 22.99
N GLU A 123 -7.38 -3.09 21.72
CA GLU A 123 -8.63 -3.65 21.24
C GLU A 123 -8.53 -5.14 21.51
N PHE A 124 -7.31 -5.71 21.49
CA PHE A 124 -7.05 -7.12 21.74
C PHE A 124 -7.08 -7.40 23.26
N ASP A 125 -7.28 -8.67 23.66
CA ASP A 125 -7.31 -9.07 25.07
C ASP A 125 -5.91 -9.43 25.57
N GLY A 126 -5.21 -10.28 24.83
CA GLY A 126 -3.87 -10.71 25.19
C GLY A 126 -2.91 -10.92 24.03
N VAL A 127 -1.85 -11.70 24.29
CA VAL A 127 -0.75 -11.87 23.36
C VAL A 127 -0.34 -13.32 23.21
N VAL A 128 -0.05 -13.76 21.99
CA VAL A 128 0.47 -15.08 21.67
C VAL A 128 1.89 -14.81 21.17
N GLY A 129 2.88 -15.12 22.02
CA GLY A 129 4.28 -14.91 21.73
C GLY A 129 4.76 -15.93 20.72
N MET A 130 5.31 -15.43 19.57
CA MET A 130 5.81 -16.24 18.45
C MET A 130 7.35 -16.31 18.43
N GLY A 131 7.99 -15.84 19.51
CA GLY A 131 9.44 -15.88 19.72
C GLY A 131 9.97 -17.25 20.14
N PHE A 132 11.25 -17.30 20.50
CA PHE A 132 11.93 -18.54 20.88
C PHE A 132 11.87 -18.78 22.38
N ILE A 133 12.07 -20.05 22.83
CA ILE A 133 12.07 -20.39 24.27
C ILE A 133 13.07 -19.52 25.10
N GLU A 134 14.23 -19.15 24.51
CA GLU A 134 15.28 -18.33 25.10
C GLU A 134 14.78 -16.97 25.65
N GLN A 135 13.60 -16.48 25.15
CA GLN A 135 13.01 -15.21 25.59
C GLN A 135 11.76 -15.41 26.46
N ALA A 136 11.31 -16.67 26.63
CA ALA A 136 10.12 -16.98 27.40
C ALA A 136 10.36 -16.87 28.90
N ILE A 137 9.64 -15.93 29.53
CA ILE A 137 9.67 -15.64 30.96
C ILE A 137 9.19 -16.88 31.69
N GLY A 138 10.00 -17.37 32.62
CA GLY A 138 9.74 -18.59 33.36
C GLY A 138 10.04 -19.83 32.57
N ARG A 139 10.75 -19.67 31.44
CA ARG A 139 11.18 -20.74 30.50
C ARG A 139 10.02 -21.68 30.08
N VAL A 140 8.83 -21.09 29.88
CA VAL A 140 7.62 -21.78 29.45
C VAL A 140 7.75 -22.10 27.95
N THR A 141 7.40 -23.33 27.53
CA THR A 141 7.46 -23.78 26.15
C THR A 141 6.53 -22.92 25.26
N PRO A 142 7.06 -22.19 24.25
CA PRO A 142 6.18 -21.38 23.38
C PRO A 142 5.22 -22.21 22.56
N ILE A 143 4.07 -21.61 22.20
CA ILE A 143 3.00 -22.30 21.44
C ILE A 143 3.47 -22.88 20.09
N PHE A 144 4.41 -22.19 19.38
CA PHE A 144 4.87 -22.68 18.10
C PHE A 144 5.74 -23.94 18.27
N ASP A 145 6.59 -23.96 19.35
CA ASP A 145 7.43 -25.12 19.70
C ASP A 145 6.50 -26.29 20.03
N ASN A 146 5.36 -26.03 20.73
CA ASN A 146 4.35 -27.06 21.04
C ASN A 146 3.62 -27.53 19.78
N ILE A 147 3.34 -26.62 18.82
CA ILE A 147 2.70 -26.98 17.54
C ILE A 147 3.67 -27.82 16.69
N ILE A 148 4.99 -27.44 16.67
CA ILE A 148 6.06 -28.18 15.97
C ILE A 148 6.08 -29.63 16.50
N SER A 149 6.05 -29.80 17.84
CA SER A 149 6.06 -31.11 18.51
C SER A 149 4.97 -32.06 18.04
N GLN A 150 3.80 -31.56 17.62
CA GLN A 150 2.68 -32.38 17.14
C GLN A 150 2.97 -33.11 15.83
N GLY A 151 3.97 -32.61 15.07
CA GLY A 151 4.33 -33.15 13.77
C GLY A 151 3.16 -33.10 12.81
N VAL A 152 2.45 -31.97 12.82
CA VAL A 152 1.25 -31.75 12.01
C VAL A 152 1.52 -30.73 10.86
N LEU A 153 2.49 -29.82 11.07
CA LEU A 153 2.83 -28.78 10.10
C LEU A 153 3.62 -29.27 8.90
N LYS A 154 3.29 -28.74 7.71
CA LYS A 154 3.94 -29.05 6.44
C LYS A 154 5.41 -28.63 6.52
N GLU A 155 5.71 -27.46 7.11
CA GLU A 155 7.05 -26.92 7.31
C GLU A 155 7.14 -26.18 8.66
N ASP A 156 8.36 -26.09 9.22
CA ASP A 156 8.60 -25.40 10.49
C ASP A 156 8.71 -23.89 10.32
N VAL A 157 7.72 -23.29 9.65
CA VAL A 157 7.69 -21.86 9.37
C VAL A 157 6.31 -21.32 9.71
N PHE A 158 6.21 -19.99 9.84
CA PHE A 158 4.96 -19.25 9.99
C PHE A 158 5.21 -17.91 9.33
N SER A 159 4.18 -17.38 8.67
CA SER A 159 4.35 -16.13 7.97
C SER A 159 3.21 -15.16 8.19
N PHE A 160 3.52 -13.87 8.07
CA PHE A 160 2.62 -12.77 8.33
C PHE A 160 2.33 -11.91 7.11
N TYR A 161 1.04 -11.51 7.03
CA TYR A 161 0.48 -10.58 6.09
C TYR A 161 -0.34 -9.62 6.93
N TYR A 162 -0.09 -8.32 6.75
CA TYR A 162 -0.74 -7.21 7.42
C TYR A 162 -1.21 -6.29 6.29
N ASN A 163 -2.51 -6.08 6.17
CA ASN A 163 -3.08 -5.22 5.14
C ASN A 163 -3.15 -3.74 5.59
N ARG A 164 -3.43 -2.84 4.63
CA ARG A 164 -3.68 -1.41 4.79
C ARG A 164 -5.13 -1.32 5.28
N ASP A 165 -5.42 -0.36 6.16
CA ASP A 165 -6.76 -0.23 6.75
C ASP A 165 -7.85 0.14 5.74
N SER A 166 -9.05 -0.50 5.87
CA SER A 166 -10.24 -0.29 5.02
C SER A 166 -11.55 -0.43 5.81
N GLN A 170 -14.04 -2.55 3.97
CA GLN A 170 -14.35 -3.77 4.71
C GLN A 170 -13.74 -5.05 4.01
N SER A 171 -12.38 -5.08 3.95
CA SER A 171 -11.51 -6.15 3.39
C SER A 171 -10.84 -7.00 4.51
N LEU A 172 -9.91 -7.90 4.13
CA LEU A 172 -9.16 -8.77 5.05
C LEU A 172 -8.13 -7.93 5.83
N GLY A 173 -8.15 -7.97 7.17
CA GLY A 173 -7.18 -7.23 7.98
C GLY A 173 -5.75 -7.73 7.89
N GLY A 174 -5.59 -9.04 7.86
CA GLY A 174 -4.29 -9.66 7.78
C GLY A 174 -4.42 -11.15 7.90
N GLN A 175 -3.29 -11.86 7.92
CA GLN A 175 -3.29 -13.32 7.98
C GLN A 175 -1.94 -13.88 8.48
N ILE A 176 -2.00 -14.93 9.29
CA ILE A 176 -0.85 -15.70 9.74
C ILE A 176 -1.07 -17.05 9.16
N VAL A 177 -0.04 -17.60 8.54
CA VAL A 177 -0.09 -18.96 8.02
C VAL A 177 0.90 -19.71 8.86
N LEU A 178 0.45 -20.79 9.53
CA LEU A 178 1.26 -21.65 10.35
C LEU A 178 1.58 -22.83 9.46
N GLY A 179 2.84 -23.07 9.21
CA GLY A 179 3.24 -24.21 8.39
C GLY A 179 3.66 -23.90 6.98
N GLY A 180 3.59 -22.61 6.59
CA GLY A 180 3.94 -22.13 5.25
C GLY A 180 3.73 -20.64 5.02
N SER A 181 3.44 -20.27 3.76
CA SER A 181 3.16 -18.90 3.31
C SER A 181 2.08 -18.91 2.24
N ASP A 182 1.25 -17.85 2.17
CA ASP A 182 0.16 -17.76 1.19
C ASP A 182 0.63 -16.92 0.00
N PRO A 183 0.81 -17.54 -1.20
CA PRO A 183 1.26 -16.78 -2.37
C PRO A 183 0.26 -15.73 -2.89
N GLN A 184 -1.00 -15.76 -2.44
CA GLN A 184 -1.99 -14.76 -2.84
C GLN A 184 -1.66 -13.40 -2.21
N HIS A 185 -0.79 -13.36 -1.18
CA HIS A 185 -0.47 -12.11 -0.50
C HIS A 185 0.95 -11.63 -0.69
N TYR A 186 1.72 -12.27 -1.57
CA TYR A 186 3.04 -11.76 -1.90
C TYR A 186 3.35 -11.97 -3.38
N GLU A 187 4.30 -11.18 -3.89
CA GLU A 187 4.76 -11.29 -5.26
C GLU A 187 6.28 -11.37 -5.32
N GLY A 188 6.75 -12.04 -6.36
CA GLY A 188 8.16 -12.32 -6.55
C GLY A 188 8.51 -13.50 -5.68
N ASN A 189 9.77 -13.52 -5.27
CA ASN A 189 10.30 -14.59 -4.43
C ASN A 189 10.87 -14.02 -3.16
N PHE A 190 10.96 -14.87 -2.15
CA PHE A 190 11.50 -14.51 -0.87
C PHE A 190 13.00 -14.39 -0.96
N HIS A 191 13.53 -13.37 -0.27
CA HIS A 191 14.95 -13.09 -0.09
C HIS A 191 15.16 -13.27 1.40
N TYR A 192 15.98 -14.28 1.82
CA TYR A 192 16.19 -14.56 3.23
C TYR A 192 17.37 -13.84 3.80
N ILE A 193 17.32 -13.62 5.10
CA ILE A 193 18.36 -13.00 5.90
C ILE A 193 18.44 -13.92 7.10
N ASN A 194 19.61 -14.51 7.31
CA ASN A 194 19.82 -15.44 8.41
C ASN A 194 19.91 -14.69 9.72
N LEU A 195 19.37 -15.28 10.78
CA LEU A 195 19.40 -14.70 12.13
C LEU A 195 20.85 -14.61 12.62
N ILE A 196 21.15 -13.55 13.40
CA ILE A 196 22.47 -13.34 14.00
C ILE A 196 22.81 -14.54 14.90
N LYS A 197 21.84 -14.91 15.75
CA LYS A 197 21.88 -16.03 16.69
C LYS A 197 20.47 -16.58 16.86
N THR A 198 20.36 -17.82 17.31
CA THR A 198 19.08 -18.46 17.62
C THR A 198 18.56 -17.84 18.93
N GLY A 199 17.25 -17.90 19.14
CA GLY A 199 16.68 -17.35 20.35
C GLY A 199 15.99 -16.01 20.21
N VAL A 200 16.30 -15.23 19.14
CA VAL A 200 15.72 -13.92 18.83
C VAL A 200 15.38 -13.88 17.32
N TRP A 201 14.28 -13.21 16.94
CA TRP A 201 13.95 -13.00 15.53
C TRP A 201 14.63 -11.69 15.09
N GLN A 202 15.97 -11.64 15.24
CA GLN A 202 16.81 -10.47 14.96
C GLN A 202 17.83 -10.76 13.87
N ILE A 203 17.96 -9.84 12.93
CA ILE A 203 18.88 -9.96 11.82
C ILE A 203 19.82 -8.73 11.80
N GLN A 204 20.89 -8.79 10.97
CA GLN A 204 21.85 -7.70 10.81
C GLN A 204 21.31 -6.75 9.76
N MET A 205 21.37 -5.46 10.05
CA MET A 205 20.98 -4.39 9.12
C MET A 205 22.25 -3.58 8.77
N LYS A 206 22.49 -3.37 7.47
CA LYS A 206 23.70 -2.70 7.00
C LYS A 206 23.47 -1.27 6.48
N GLY A 207 22.52 -0.56 7.07
CA GLY A 207 22.30 0.85 6.73
C GLY A 207 20.88 1.31 6.51
N VAL A 208 20.53 2.49 7.08
CA VAL A 208 19.24 3.16 6.96
C VAL A 208 19.49 4.44 6.18
N SER A 209 18.85 4.57 5.02
CA SER A 209 19.06 5.76 4.22
C SER A 209 17.81 6.64 4.10
N VAL A 210 17.98 7.96 4.22
CA VAL A 210 16.91 8.94 4.03
C VAL A 210 17.08 9.53 2.63
N GLY A 211 16.34 8.96 1.68
CA GLY A 211 16.36 9.35 0.28
C GLY A 211 17.39 8.55 -0.50
N SER A 212 18.55 9.20 -0.75
CA SER A 212 19.70 8.67 -1.50
C SER A 212 20.91 8.43 -0.59
N SER A 213 21.12 9.31 0.39
CA SER A 213 22.24 9.28 1.32
C SER A 213 22.02 8.42 2.57
N THR A 214 22.86 7.34 2.76
CA THR A 214 22.90 6.42 3.93
C THR A 214 23.25 7.27 5.13
N LEU A 215 22.22 7.87 5.72
CA LEU A 215 22.26 8.78 6.84
C LEU A 215 22.53 8.11 8.19
N LEU A 216 22.13 6.83 8.37
CA LEU A 216 22.29 6.10 9.63
C LEU A 216 22.68 4.65 9.43
N CYS A 217 23.21 4.00 10.50
CA CYS A 217 23.58 2.58 10.55
C CYS A 217 24.65 2.24 9.48
N GLU A 218 25.55 3.20 9.18
CA GLU A 218 26.62 3.06 8.17
C GLU A 218 27.62 1.93 8.46
N ASP A 219 27.94 1.70 9.75
CA ASP A 219 28.88 0.65 10.17
C ASP A 219 28.15 -0.63 10.66
N GLY A 220 26.87 -0.77 10.26
CA GLY A 220 26.02 -1.89 10.63
C GLY A 220 25.32 -1.74 11.96
N CYS A 221 24.13 -2.34 12.09
CA CYS A 221 23.32 -2.34 13.31
C CYS A 221 22.31 -3.49 13.31
N LEU A 222 21.60 -3.72 14.42
CA LEU A 222 20.63 -4.83 14.58
C LEU A 222 19.19 -4.47 14.21
N ALA A 223 18.48 -5.44 13.63
CA ALA A 223 17.08 -5.28 13.22
C ALA A 223 16.22 -6.43 13.77
N LEU A 224 15.32 -6.13 14.70
CA LEU A 224 14.38 -7.08 15.26
C LEU A 224 13.11 -7.02 14.40
N VAL A 225 12.69 -8.16 13.85
CA VAL A 225 11.48 -8.29 13.02
C VAL A 225 10.31 -8.64 13.95
N ASP A 226 9.65 -7.59 14.43
CA ASP A 226 8.62 -7.62 15.46
C ASP A 226 7.18 -7.39 14.97
N THR A 227 6.45 -8.50 14.80
CA THR A 227 5.04 -8.48 14.39
C THR A 227 4.13 -7.80 15.44
N GLY A 228 4.59 -7.77 16.70
CA GLY A 228 3.85 -7.18 17.80
C GLY A 228 4.03 -5.68 17.97
N ALA A 229 5.02 -5.12 17.26
CA ALA A 229 5.27 -3.67 17.33
C ALA A 229 4.43 -2.98 16.24
N SER A 230 3.71 -1.90 16.58
CA SER A 230 2.87 -1.15 15.64
C SER A 230 3.71 -0.42 14.57
N TYR A 231 4.73 0.28 15.05
CA TYR A 231 5.59 1.14 14.26
C TYR A 231 6.96 0.55 13.98
N ILE A 232 7.75 1.25 13.18
CA ILE A 232 9.18 0.97 12.98
C ILE A 232 9.83 1.74 14.14
N SER A 233 10.78 1.11 14.83
CA SER A 233 11.47 1.80 15.93
C SER A 233 13.01 1.71 15.83
N GLY A 234 13.68 2.71 16.40
CA GLY A 234 15.12 2.79 16.53
C GLY A 234 15.46 3.36 17.90
N SER A 235 16.78 3.62 18.17
CA SER A 235 17.17 4.24 19.45
C SER A 235 16.80 5.71 19.40
N THR A 236 16.72 6.39 20.56
CA THR A 236 16.38 7.81 20.68
C THR A 236 17.32 8.68 19.81
N SER A 237 18.63 8.34 19.78
CA SER A 237 19.64 9.05 19.02
C SER A 237 19.41 8.85 17.52
N SER A 238 19.19 7.58 17.09
CA SER A 238 18.95 7.23 15.69
C SER A 238 17.70 7.91 15.15
N ILE A 239 16.61 7.89 15.95
CA ILE A 239 15.33 8.49 15.57
C ILE A 239 15.43 10.02 15.57
N GLU A 240 16.20 10.62 16.48
CA GLU A 240 16.42 12.08 16.53
C GLU A 240 17.07 12.56 15.22
N LYS A 241 18.12 11.84 14.75
CA LYS A 241 18.83 12.13 13.51
C LYS A 241 17.89 11.95 12.31
N LEU A 242 17.16 10.80 12.26
CA LEU A 242 16.17 10.47 11.23
C LEU A 242 15.10 11.54 11.07
N MET A 243 14.48 11.96 12.18
CA MET A 243 13.41 12.94 12.19
C MET A 243 13.88 14.35 11.81
N GLU A 244 15.16 14.66 12.11
CA GLU A 244 15.77 15.94 11.74
C GLU A 244 15.92 15.96 10.21
N ALA A 245 16.29 14.82 9.60
CA ALA A 245 16.40 14.65 8.15
C ALA A 245 15.05 14.74 7.43
N LEU A 246 13.94 14.41 8.12
CA LEU A 246 12.62 14.45 7.52
C LEU A 246 11.95 15.80 7.73
N GLY A 247 12.39 16.52 8.76
CA GLY A 247 11.82 17.81 9.13
C GLY A 247 10.71 17.61 10.14
N ALA A 248 10.71 16.43 10.77
CA ALA A 248 9.72 16.00 11.74
C ALA A 248 9.93 16.64 13.11
N LYS A 249 8.83 17.11 13.71
CA LYS A 249 8.80 17.77 15.02
C LYS A 249 8.29 16.78 16.08
N LYS A 250 9.09 16.56 17.16
CA LYS A 250 8.78 15.64 18.26
C LYS A 250 7.70 16.18 19.17
N ARG A 251 6.63 15.42 19.30
CA ARG A 251 5.53 15.67 20.23
C ARG A 251 5.88 14.76 21.43
N LEU A 252 4.97 14.59 22.43
CA LEU A 252 5.25 13.78 23.63
C LEU A 252 5.52 12.27 23.35
N PHE A 253 4.58 11.56 22.71
CA PHE A 253 4.73 10.13 22.41
C PHE A 253 5.12 9.82 20.97
N ASP A 254 4.68 10.67 20.05
CA ASP A 254 4.89 10.54 18.63
C ASP A 254 5.79 11.66 18.03
N TYR A 255 6.02 11.57 16.70
CA TYR A 255 6.70 12.53 15.84
C TYR A 255 5.71 12.91 14.79
N VAL A 256 5.61 14.20 14.49
CA VAL A 256 4.68 14.68 13.49
C VAL A 256 5.32 15.60 12.46
N VAL A 257 4.61 15.79 11.35
CA VAL A 257 4.91 16.74 10.27
C VAL A 257 3.61 17.41 10.01
N LYS A 258 3.67 18.47 9.24
CA LYS A 258 2.44 19.17 8.87
C LYS A 258 1.84 18.29 7.79
N CYS A 259 0.53 18.10 7.81
CA CYS A 259 -0.16 17.19 6.88
C CYS A 259 0.13 17.47 5.40
N ASN A 260 0.15 18.75 5.01
CA ASN A 260 0.44 19.20 3.64
C ASN A 260 1.84 18.78 3.11
N GLU A 261 2.87 18.69 3.99
CA GLU A 261 4.23 18.36 3.57
C GLU A 261 4.58 16.85 3.72
N GLY A 262 3.58 16.06 4.08
CA GLY A 262 3.73 14.62 4.21
C GLY A 262 4.02 13.89 2.90
N PRO A 263 3.27 14.18 1.79
CA PRO A 263 3.51 13.46 0.52
C PRO A 263 4.83 13.75 -0.19
N THR A 264 5.59 14.74 0.33
CA THR A 264 6.85 15.22 -0.24
C THR A 264 8.06 14.65 0.48
N LEU A 265 7.85 14.04 1.66
CA LEU A 265 8.88 13.45 2.51
C LEU A 265 9.66 12.38 1.76
N PRO A 266 10.98 12.26 2.00
CA PRO A 266 11.77 11.28 1.25
C PRO A 266 11.53 9.82 1.61
N ASP A 267 11.89 8.93 0.70
CA ASP A 267 11.83 7.48 0.89
C ASP A 267 12.80 7.11 1.99
N ILE A 268 12.48 6.08 2.76
CA ILE A 268 13.36 5.56 3.82
C ILE A 268 13.69 4.13 3.44
N SER A 269 14.99 3.79 3.34
CA SER A 269 15.42 2.45 2.95
C SER A 269 16.15 1.74 4.05
N PHE A 270 15.94 0.43 4.16
CA PHE A 270 16.53 -0.44 5.16
C PHE A 270 17.33 -1.51 4.41
N HIS A 271 18.68 -1.48 4.58
CA HIS A 271 19.59 -2.40 3.89
C HIS A 271 19.71 -3.70 4.67
N LEU A 272 19.04 -4.74 4.17
CA LEU A 272 18.97 -6.07 4.80
C LEU A 272 19.28 -7.14 3.78
N GLY A 273 20.14 -8.09 4.15
CA GLY A 273 20.57 -9.15 3.27
C GLY A 273 21.23 -8.52 2.06
N GLY A 274 20.85 -8.97 0.88
CA GLY A 274 21.35 -8.34 -0.34
C GLY A 274 20.72 -6.98 -0.56
N LYS A 275 19.36 -7.01 -0.59
CA LYS A 275 18.39 -5.99 -0.95
C LYS A 275 18.25 -4.74 -0.05
N GLU A 276 17.66 -3.69 -0.64
CA GLU A 276 17.27 -2.42 -0.03
C GLU A 276 15.74 -2.46 0.06
N TYR A 277 15.22 -2.37 1.29
CA TYR A 277 13.80 -2.41 1.55
C TYR A 277 13.33 -0.96 1.78
N THR A 278 12.67 -0.41 0.77
CA THR A 278 12.27 0.99 0.74
C THR A 278 10.81 1.22 1.09
N LEU A 279 10.54 2.25 1.92
CA LEU A 279 9.21 2.71 2.27
C LEU A 279 9.08 4.16 1.78
N THR A 280 8.04 4.48 1.03
CA THR A 280 7.77 5.85 0.58
C THR A 280 7.02 6.53 1.72
N SER A 281 6.79 7.85 1.64
CA SER A 281 6.06 8.54 2.69
C SER A 281 4.62 8.01 2.87
N ALA A 282 4.03 7.45 1.82
CA ALA A 282 2.67 6.88 1.90
C ALA A 282 2.70 5.58 2.75
N ASP A 283 3.90 5.00 2.97
CA ASP A 283 4.11 3.80 3.74
C ASP A 283 4.39 4.12 5.21
N TYR A 284 4.83 5.35 5.52
CA TYR A 284 5.16 5.64 6.92
C TYR A 284 4.42 6.87 7.53
N VAL A 285 3.63 7.62 6.77
CA VAL A 285 2.88 8.77 7.29
C VAL A 285 1.42 8.37 7.40
N PHE A 286 0.75 8.74 8.53
CA PHE A 286 -0.68 8.54 8.68
C PHE A 286 -1.32 9.77 8.04
N GLN A 287 -1.43 9.76 6.70
CA GLN A 287 -1.95 10.84 5.87
C GLN A 287 -3.47 11.11 6.10
N GLU A 288 -3.83 11.64 7.28
CA GLU A 288 -5.22 11.90 7.65
C GLU A 288 -5.86 13.10 6.90
N SER A 289 -5.06 14.07 6.42
CA SER A 289 -5.52 15.25 5.64
C SER A 289 -4.34 15.86 4.83
N TYR A 290 -4.62 16.84 3.95
CA TYR A 290 -3.50 17.47 3.24
C TYR A 290 -3.42 18.94 3.68
N SER A 291 -3.92 19.22 4.88
CA SER A 291 -3.99 20.55 5.44
C SER A 291 -2.69 21.06 6.01
N SER A 292 -2.35 22.31 5.65
CA SER A 292 -1.21 23.04 6.15
C SER A 292 -1.47 23.51 7.62
N LYS A 293 -2.68 23.21 8.16
CA LYS A 293 -3.13 23.57 9.51
C LYS A 293 -3.30 22.32 10.46
N LYS A 294 -3.01 21.12 9.96
CA LYS A 294 -3.12 19.89 10.75
C LYS A 294 -1.80 19.12 10.80
N LEU A 295 -1.62 18.32 11.87
CA LEU A 295 -0.42 17.53 12.06
C LEU A 295 -0.69 16.07 11.78
N CYS A 296 0.27 15.45 11.08
CA CYS A 296 0.19 14.08 10.65
C CYS A 296 1.33 13.31 11.28
N THR A 297 0.98 12.24 12.00
CA THR A 297 1.89 11.38 12.75
C THR A 297 2.62 10.44 11.83
N LEU A 298 3.89 10.16 12.15
CA LEU A 298 4.70 9.20 11.41
C LEU A 298 4.61 7.86 12.12
N ALA A 299 4.77 6.76 11.39
CA ALA A 299 4.67 5.41 11.93
C ALA A 299 6.04 4.84 12.32
N ILE A 300 6.88 5.74 12.82
CA ILE A 300 8.25 5.51 13.28
C ILE A 300 8.34 6.28 14.59
N HIS A 301 8.94 5.65 15.60
CA HIS A 301 9.08 6.27 16.91
C HIS A 301 10.34 5.72 17.63
N ALA A 302 10.75 6.40 18.70
CA ALA A 302 11.95 5.96 19.39
C ALA A 302 11.59 4.87 20.39
N MET A 303 12.49 3.89 20.55
CA MET A 303 12.35 2.79 21.51
C MET A 303 13.73 2.27 21.88
N ASP A 304 14.20 2.63 23.08
CA ASP A 304 15.51 2.14 23.53
C ASP A 304 15.27 0.80 24.19
N ILE A 305 15.53 -0.26 23.42
CA ILE A 305 15.35 -1.62 23.90
C ILE A 305 16.56 -2.00 24.76
N PRO A 306 16.38 -2.56 25.98
CA PRO A 306 17.55 -2.86 26.83
C PRO A 306 18.25 -4.16 26.45
N PRO A 307 19.55 -4.35 26.81
CA PRO A 307 20.23 -5.62 26.49
C PRO A 307 19.60 -6.85 27.15
N PRO A 308 19.83 -8.10 26.65
CA PRO A 308 20.70 -8.49 25.53
C PRO A 308 20.19 -8.11 24.12
N THR A 309 18.85 -8.16 23.89
CA THR A 309 18.17 -7.87 22.61
C THR A 309 18.56 -6.50 22.04
N GLY A 310 18.56 -5.46 22.86
CA GLY A 310 18.88 -4.10 22.45
C GLY A 310 20.24 -3.59 22.91
N PRO A 311 20.68 -2.40 22.43
CA PRO A 311 20.03 -1.51 21.45
C PRO A 311 19.85 -2.18 20.09
N THR A 312 18.67 -1.99 19.50
CA THR A 312 18.27 -2.55 18.21
C THR A 312 17.17 -1.72 17.59
N TRP A 313 17.02 -1.84 16.26
CA TRP A 313 15.89 -1.26 15.55
C TRP A 313 14.82 -2.37 15.62
N ALA A 314 13.57 -1.99 15.44
CA ALA A 314 12.47 -2.93 15.38
C ALA A 314 11.67 -2.60 14.15
N LEU A 315 11.47 -3.59 13.28
CA LEU A 315 10.66 -3.48 12.05
C LEU A 315 9.28 -4.09 12.38
N GLY A 316 8.34 -3.20 12.73
CA GLY A 316 6.99 -3.56 13.12
C GLY A 316 6.01 -3.57 11.98
N ALA A 317 4.71 -3.30 12.28
CA ALA A 317 3.61 -3.35 11.28
C ALA A 317 3.86 -2.43 10.09
N THR A 318 4.54 -1.26 10.31
CA THR A 318 4.91 -0.29 9.27
C THR A 318 5.72 -0.95 8.15
N PHE A 319 6.62 -1.87 8.53
CA PHE A 319 7.45 -2.63 7.60
C PHE A 319 6.71 -3.80 6.98
N ILE A 320 6.05 -4.62 7.81
CA ILE A 320 5.32 -5.84 7.40
C ILE A 320 4.18 -5.56 6.42
N ARG A 321 3.55 -4.36 6.45
CA ARG A 321 2.50 -4.05 5.49
C ARG A 321 3.06 -4.07 4.07
N LYS A 322 4.27 -3.49 3.89
CA LYS A 322 4.89 -3.48 2.58
C LYS A 322 5.55 -4.82 2.26
N PHE A 323 6.20 -5.46 3.26
CA PHE A 323 6.88 -6.71 3.03
C PHE A 323 6.30 -7.87 3.83
N TYR A 324 5.70 -8.81 3.11
CA TYR A 324 5.14 -10.05 3.61
C TYR A 324 6.35 -10.79 4.22
N THR A 325 6.25 -11.22 5.48
CA THR A 325 7.35 -11.83 6.21
C THR A 325 7.17 -13.32 6.55
N GLU A 326 8.19 -14.13 6.27
CA GLU A 326 8.23 -15.56 6.62
C GLU A 326 9.30 -15.82 7.69
N PHE A 327 8.90 -16.43 8.81
CA PHE A 327 9.75 -16.76 9.96
C PHE A 327 10.01 -18.24 9.93
N ASP A 328 11.25 -18.60 9.57
CA ASP A 328 11.73 -19.97 9.37
C ASP A 328 12.48 -20.47 10.60
N ARG A 329 11.83 -21.36 11.37
CA ARG A 329 12.42 -21.97 12.58
C ARG A 329 13.45 -23.03 12.22
N ARG A 330 13.17 -23.78 11.14
CA ARG A 330 14.02 -24.84 10.64
C ARG A 330 15.42 -24.34 10.24
N ASN A 331 15.52 -23.20 9.51
CA ASN A 331 16.79 -22.69 9.01
C ASN A 331 17.29 -21.40 9.70
N ASN A 332 16.58 -20.97 10.75
CA ASN A 332 16.87 -19.78 11.55
C ASN A 332 17.16 -18.54 10.68
N ARG A 333 16.14 -18.19 9.88
CA ARG A 333 16.16 -17.07 8.94
C ARG A 333 14.76 -16.45 8.79
N ILE A 334 14.72 -15.22 8.27
CA ILE A 334 13.51 -14.46 7.98
C ILE A 334 13.55 -14.10 6.49
N GLY A 335 12.46 -14.41 5.79
CA GLY A 335 12.31 -14.10 4.38
C GLY A 335 11.32 -12.99 4.13
N PHE A 336 11.65 -12.08 3.20
CA PHE A 336 10.74 -11.01 2.82
C PHE A 336 10.37 -11.07 1.34
N ALA A 337 9.13 -10.74 1.03
CA ALA A 337 8.66 -10.61 -0.33
C ALA A 337 7.71 -9.44 -0.35
N LEU A 338 7.58 -8.76 -1.49
CA LEU A 338 6.70 -7.62 -1.63
C LEU A 338 5.25 -8.09 -1.47
N ALA A 339 4.49 -7.47 -0.54
CA ALA A 339 3.11 -7.85 -0.22
C ALA A 339 2.13 -7.45 -1.33
N ARG A 340 0.99 -8.16 -1.46
CA ARG A 340 0.01 -7.83 -2.48
C ARG A 340 -1.45 -8.00 -1.99
N GLY B 4 2.39 -17.39 -19.92
CA GLY B 4 2.77 -17.96 -18.63
C GLY B 4 1.65 -18.05 -17.62
N ASN B 5 1.99 -18.04 -16.31
CA ASN B 5 1.04 -18.14 -15.20
C ASN B 5 1.34 -17.07 -14.12
N THR B 6 1.74 -15.85 -14.56
CA THR B 6 2.09 -14.76 -13.63
C THR B 6 1.18 -13.51 -13.81
N THR B 7 0.80 -12.90 -12.68
CA THR B 7 0.13 -11.60 -12.57
C THR B 7 1.02 -10.76 -11.65
N SER B 8 1.07 -9.43 -11.86
CA SER B 8 1.87 -8.58 -10.99
C SER B 8 1.11 -7.34 -10.56
N SER B 9 0.91 -7.15 -9.27
CA SER B 9 0.16 -5.97 -8.84
C SER B 9 1.04 -4.83 -8.30
N VAL B 10 0.65 -3.59 -8.57
CA VAL B 10 1.35 -2.43 -8.05
C VAL B 10 0.36 -1.61 -7.24
N ILE B 11 0.66 -1.41 -5.96
CA ILE B 11 -0.20 -0.61 -5.09
C ILE B 11 -0.04 0.84 -5.46
N LEU B 12 -1.13 1.60 -5.54
CA LEU B 12 -1.13 3.02 -5.90
C LEU B 12 -1.51 3.91 -4.73
N THR B 13 -0.99 5.12 -4.72
CA THR B 13 -1.29 6.15 -3.75
C THR B 13 -2.28 7.12 -4.42
N ASN B 14 -3.37 7.46 -3.71
CA ASN B 14 -4.36 8.40 -4.23
C ASN B 14 -4.06 9.72 -3.62
N TYR B 15 -3.61 10.67 -4.47
CA TYR B 15 -3.35 12.04 -4.05
C TYR B 15 -4.47 12.92 -4.52
N MET B 16 -5.33 13.32 -3.58
CA MET B 16 -6.42 14.26 -3.78
C MET B 16 -7.45 13.91 -4.87
N ASP B 17 -7.54 12.62 -5.27
CA ASP B 17 -8.47 12.12 -6.31
C ASP B 17 -8.09 12.57 -7.74
N THR B 18 -6.87 13.12 -7.90
CA THR B 18 -6.33 13.64 -9.16
C THR B 18 -5.07 12.95 -9.57
N GLN B 19 -4.28 12.41 -8.64
CA GLN B 19 -3.06 11.72 -9.04
C GLN B 19 -3.02 10.41 -8.34
N TYR B 20 -2.77 9.34 -9.13
CA TYR B 20 -2.66 7.97 -8.67
C TYR B 20 -1.31 7.47 -9.09
N TYR B 21 -0.43 7.23 -8.13
CA TYR B 21 0.91 6.78 -8.50
C TYR B 21 1.42 5.61 -7.67
N GLY B 22 2.18 4.72 -8.31
CA GLY B 22 2.83 3.59 -7.67
C GLY B 22 4.35 3.66 -7.76
N GLU B 23 5.02 2.64 -7.23
CA GLU B 23 6.47 2.56 -7.25
C GLU B 23 7.02 1.60 -8.30
N ILE B 24 8.05 2.06 -9.00
CA ILE B 24 8.87 1.25 -9.92
C ILE B 24 10.32 1.39 -9.48
N GLY B 25 11.12 0.41 -9.85
CA GLY B 25 12.55 0.40 -9.54
C GLY B 25 13.35 0.44 -10.81
N ILE B 26 14.33 1.33 -10.88
CA ILE B 26 15.18 1.41 -12.05
C ILE B 26 16.64 1.18 -11.65
N GLY B 27 17.28 0.20 -12.30
CA GLY B 27 18.69 -0.11 -12.12
C GLY B 27 19.10 -1.19 -11.13
N THR B 28 20.43 -1.43 -11.05
CA THR B 28 21.05 -2.37 -10.13
C THR B 28 22.06 -1.63 -9.25
N PRO B 29 21.81 -1.48 -7.92
CA PRO B 29 20.61 -1.89 -7.17
C PRO B 29 19.43 -0.98 -7.59
N PRO B 30 18.16 -1.37 -7.33
CA PRO B 30 17.05 -0.50 -7.78
C PRO B 30 16.97 0.86 -7.13
N GLN B 31 16.69 1.90 -7.96
CA GLN B 31 16.42 3.30 -7.56
C GLN B 31 14.92 3.43 -7.72
N THR B 32 14.19 3.77 -6.64
CA THR B 32 12.72 3.81 -6.70
C THR B 32 12.13 5.18 -7.04
N PHE B 33 11.10 5.16 -7.87
CA PHE B 33 10.39 6.36 -8.33
C PHE B 33 8.91 6.15 -8.18
N LYS B 34 8.20 7.24 -7.88
CA LYS B 34 6.74 7.31 -7.82
C LYS B 34 6.34 7.62 -9.26
N VAL B 35 5.50 6.76 -9.87
CA VAL B 35 5.09 6.96 -11.27
C VAL B 35 3.58 6.84 -11.51
N VAL B 36 3.11 7.58 -12.51
CA VAL B 36 1.74 7.53 -12.99
C VAL B 36 1.73 6.51 -14.15
N PHE B 37 0.80 5.52 -14.10
CA PHE B 37 0.65 4.52 -15.18
C PHE B 37 -0.43 5.05 -16.09
N ASP B 38 0.00 5.64 -17.23
CA ASP B 38 -0.77 6.42 -18.21
C ASP B 38 -1.14 5.67 -19.50
N THR B 39 -2.45 5.39 -19.71
CA THR B 39 -2.91 4.71 -20.92
C THR B 39 -3.01 5.67 -22.11
N GLY B 40 -2.97 6.96 -21.86
CA GLY B 40 -2.99 7.98 -22.90
C GLY B 40 -1.62 8.35 -23.50
N SER B 41 -0.52 7.68 -23.06
CA SER B 41 0.85 7.88 -23.53
C SER B 41 1.62 6.55 -23.50
N SER B 42 2.78 6.46 -24.19
CA SER B 42 3.48 5.18 -24.33
C SER B 42 4.96 5.19 -23.96
N ASN B 43 5.47 6.31 -23.45
CA ASN B 43 6.88 6.39 -23.06
C ASN B 43 7.07 6.27 -21.57
N VAL B 44 8.22 5.73 -21.15
CA VAL B 44 8.64 5.67 -19.75
C VAL B 44 9.66 6.81 -19.59
N TRP B 45 9.55 7.58 -18.52
CA TRP B 45 10.49 8.66 -18.20
C TRP B 45 10.50 8.96 -16.74
N VAL B 46 11.68 9.31 -16.18
CA VAL B 46 11.84 9.76 -14.80
C VAL B 46 12.76 10.98 -14.78
N PRO B 47 12.75 11.86 -13.75
CA PRO B 47 13.71 12.98 -13.75
C PRO B 47 15.14 12.44 -13.61
N SER B 48 16.11 13.11 -14.27
CA SER B 48 17.52 12.70 -14.28
C SER B 48 18.40 13.48 -13.30
N SER B 49 19.52 12.87 -12.87
CA SER B 49 20.50 13.55 -11.99
C SER B 49 21.20 14.63 -12.81
N LYS B 50 21.15 14.49 -14.15
CA LYS B 50 21.71 15.42 -15.12
C LYS B 50 20.80 16.65 -15.34
N CYS B 51 19.73 16.78 -14.56
CA CYS B 51 18.83 17.93 -14.63
C CYS B 51 19.43 19.07 -13.84
N SER B 52 19.41 20.30 -14.41
CA SER B 52 19.98 21.47 -13.73
C SER B 52 19.13 21.89 -12.55
N ARG B 53 19.80 22.25 -11.43
CA ARG B 53 19.13 22.68 -10.19
C ARG B 53 18.37 24.02 -10.33
N LEU B 54 18.44 24.68 -11.52
CA LEU B 54 17.67 25.89 -11.80
C LEU B 54 16.19 25.53 -12.07
N TYR B 55 15.90 24.25 -12.51
CA TYR B 55 14.54 23.72 -12.70
C TYR B 55 14.12 23.29 -11.32
N THR B 56 13.26 24.11 -10.68
CA THR B 56 12.75 23.91 -9.32
C THR B 56 11.97 22.58 -9.23
N ALA B 57 11.42 22.11 -10.38
CA ALA B 57 10.72 20.84 -10.52
C ALA B 57 11.66 19.67 -10.19
N CYS B 58 12.92 19.73 -10.65
CA CYS B 58 13.93 18.70 -10.43
C CYS B 58 14.45 18.63 -9.00
N VAL B 59 14.52 19.77 -8.32
CA VAL B 59 14.95 19.88 -6.92
C VAL B 59 13.92 19.20 -5.99
N TYR B 60 12.65 19.10 -6.44
CA TYR B 60 11.55 18.55 -5.67
C TYR B 60 11.09 17.13 -6.08
N HIS B 61 11.89 16.40 -6.88
CA HIS B 61 11.61 15.04 -7.33
C HIS B 61 12.85 14.14 -7.25
N LYS B 62 12.62 12.83 -7.12
CA LYS B 62 13.67 11.81 -7.09
C LYS B 62 14.32 11.82 -8.49
N LEU B 63 15.67 11.79 -8.54
CA LEU B 63 16.41 11.81 -9.79
C LEU B 63 17.16 10.51 -10.03
N PHE B 64 17.08 10.00 -11.28
CA PHE B 64 17.81 8.79 -11.63
C PHE B 64 19.26 9.12 -11.89
N ASP B 65 20.14 8.33 -11.26
CA ASP B 65 21.60 8.45 -11.43
C ASP B 65 22.11 7.17 -12.07
N ALA B 66 22.57 7.28 -13.33
CA ALA B 66 23.09 6.15 -14.09
C ALA B 66 24.44 5.65 -13.53
N SER B 67 25.20 6.55 -12.88
CA SER B 67 26.50 6.27 -12.26
C SER B 67 26.38 5.26 -11.12
N ASP B 68 25.17 5.07 -10.55
CA ASP B 68 24.95 4.13 -9.47
C ASP B 68 24.30 2.82 -9.93
N SER B 69 24.14 2.65 -11.25
CA SER B 69 23.54 1.43 -11.79
C SER B 69 24.50 0.63 -12.66
N SER B 70 24.72 -0.64 -12.28
CA SER B 70 25.62 -1.54 -12.99
C SER B 70 25.01 -2.14 -14.25
N SER B 71 23.65 -2.11 -14.33
CA SER B 71 22.86 -2.65 -15.44
C SER B 71 22.56 -1.61 -16.53
N TYR B 72 22.88 -0.34 -16.28
CA TYR B 72 22.69 0.76 -17.22
C TYR B 72 23.47 0.57 -18.51
N LYS B 73 22.88 1.03 -19.61
CA LYS B 73 23.41 1.02 -20.98
C LYS B 73 23.04 2.37 -21.58
N HIS B 74 24.05 3.12 -21.97
CA HIS B 74 23.93 4.45 -22.56
C HIS B 74 23.28 4.38 -23.96
N ASN B 75 22.53 5.43 -24.34
CA ASN B 75 21.90 5.60 -25.64
C ASN B 75 21.84 7.07 -26.04
N GLY B 76 21.70 7.96 -25.06
CA GLY B 76 21.69 9.41 -25.22
C GLY B 76 20.83 10.10 -26.28
N THR B 77 19.96 9.37 -27.00
CA THR B 77 19.08 9.97 -28.04
C THR B 77 18.14 11.00 -27.42
N GLU B 78 18.10 12.24 -27.96
CA GLU B 78 17.21 13.27 -27.44
C GLU B 78 15.77 12.77 -27.46
N LEU B 79 14.97 13.27 -26.50
CA LEU B 79 13.55 12.98 -26.35
C LEU B 79 12.86 14.27 -25.95
N THR B 80 11.77 14.59 -26.64
CA THR B 80 10.95 15.76 -26.34
C THR B 80 9.51 15.29 -26.24
N LEU B 81 8.90 15.60 -25.09
CA LEU B 81 7.54 15.22 -24.77
C LEU B 81 6.79 16.50 -24.52
N ARG B 82 5.98 16.87 -25.50
CA ARG B 82 5.23 18.12 -25.46
C ARG B 82 3.88 18.00 -24.71
N TYR B 83 3.90 18.27 -23.41
CA TYR B 83 2.67 18.29 -22.63
C TYR B 83 1.95 19.61 -22.93
N SER B 84 0.63 19.66 -22.74
CA SER B 84 -0.15 20.84 -23.08
C SER B 84 0.35 22.15 -22.45
N THR B 85 0.81 22.10 -21.17
CA THR B 85 1.21 23.34 -20.47
C THR B 85 2.74 23.54 -20.28
N GLY B 86 3.55 22.55 -20.67
CA GLY B 86 4.99 22.61 -20.52
C GLY B 86 5.70 21.51 -21.29
N THR B 87 6.94 21.78 -21.75
CA THR B 87 7.71 20.80 -22.52
C THR B 87 8.77 20.16 -21.64
N VAL B 88 8.84 18.84 -21.73
CA VAL B 88 9.78 18.03 -21.02
C VAL B 88 10.72 17.43 -22.07
N SER B 89 12.02 17.56 -21.80
CA SER B 89 13.11 17.13 -22.66
C SER B 89 14.12 16.38 -21.83
N GLY B 90 14.76 15.44 -22.49
CA GLY B 90 15.81 14.62 -21.90
C GLY B 90 16.44 13.76 -22.96
N PHE B 91 17.01 12.64 -22.55
CA PHE B 91 17.66 11.72 -23.47
C PHE B 91 17.33 10.29 -23.08
N LEU B 92 17.51 9.36 -24.02
CA LEU B 92 17.22 7.95 -23.80
C LEU B 92 18.29 7.21 -23.05
N SER B 93 17.88 6.20 -22.28
CA SER B 93 18.75 5.32 -21.49
C SER B 93 18.07 3.98 -21.37
N GLN B 94 18.86 2.93 -21.21
CA GLN B 94 18.34 1.60 -21.04
C GLN B 94 18.81 1.05 -19.73
N ASP B 95 17.90 0.44 -18.97
CA ASP B 95 18.20 -0.18 -17.69
C ASP B 95 17.11 -1.19 -17.35
N ILE B 96 17.35 -2.01 -16.33
CA ILE B 96 16.41 -2.99 -15.81
C ILE B 96 15.34 -2.22 -14.99
N ILE B 97 14.04 -2.42 -15.31
CA ILE B 97 12.91 -1.79 -14.60
C ILE B 97 12.11 -2.86 -13.84
N THR B 98 12.03 -2.72 -12.51
CA THR B 98 11.26 -3.57 -11.61
C THR B 98 9.86 -2.96 -11.36
N VAL B 99 8.83 -3.67 -11.83
CA VAL B 99 7.44 -3.28 -11.69
C VAL B 99 6.63 -4.48 -11.14
N GLY B 100 6.40 -4.42 -9.84
CA GLY B 100 5.70 -5.41 -9.04
C GLY B 100 6.25 -6.83 -9.10
N GLY B 101 7.54 -7.00 -9.02
CA GLY B 101 8.05 -8.36 -9.10
C GLY B 101 8.27 -8.88 -10.52
N ILE B 102 7.99 -8.07 -11.52
CA ILE B 102 8.29 -8.41 -12.90
C ILE B 102 9.55 -7.58 -13.20
N THR B 103 10.53 -8.17 -13.88
CA THR B 103 11.78 -7.47 -14.21
C THR B 103 11.96 -7.41 -15.74
N VAL B 104 12.04 -6.21 -16.27
CA VAL B 104 12.15 -6.02 -17.71
C VAL B 104 13.21 -4.97 -18.06
N THR B 105 14.05 -5.29 -19.06
CA THR B 105 15.07 -4.39 -19.59
C THR B 105 14.26 -3.39 -20.40
N GLN B 106 14.42 -2.09 -20.14
CA GLN B 106 13.60 -1.08 -20.83
C GLN B 106 14.37 0.18 -21.23
N MET B 107 13.98 0.77 -22.37
CA MET B 107 14.47 2.05 -22.85
C MET B 107 13.50 3.12 -22.30
N PHE B 108 14.06 4.11 -21.63
CA PHE B 108 13.28 5.18 -21.01
C PHE B 108 14.03 6.50 -21.15
N GLY B 109 13.35 7.60 -20.89
CA GLY B 109 13.95 8.91 -20.94
C GLY B 109 14.38 9.41 -19.57
N GLU B 110 15.59 9.95 -19.51
CA GLU B 110 16.18 10.62 -18.35
C GLU B 110 15.88 12.08 -18.66
N VAL B 111 14.92 12.66 -17.92
CA VAL B 111 14.45 14.03 -18.17
C VAL B 111 15.38 15.04 -17.53
N THR B 112 15.86 16.01 -18.36
CA THR B 112 16.78 17.08 -17.94
C THR B 112 16.13 18.49 -17.97
N GLU B 113 14.96 18.63 -18.60
CA GLU B 113 14.23 19.91 -18.64
C GLU B 113 12.80 19.65 -18.17
N MET B 114 12.55 20.03 -16.91
CA MET B 114 11.27 19.82 -16.23
C MET B 114 10.69 21.17 -15.80
N PRO B 115 9.68 21.69 -16.55
CA PRO B 115 9.11 23.00 -16.17
C PRO B 115 8.22 22.92 -14.92
N ALA B 116 8.19 24.01 -14.11
CA ALA B 116 7.36 24.13 -12.91
C ALA B 116 5.87 23.95 -13.24
N LEU B 117 5.53 24.12 -14.53
CA LEU B 117 4.18 23.94 -15.00
C LEU B 117 4.15 22.87 -16.09
N PRO B 118 3.57 21.69 -15.78
CA PRO B 118 2.82 21.32 -14.57
C PRO B 118 3.55 20.37 -13.58
N PHE B 119 4.89 20.43 -13.47
CA PHE B 119 5.58 19.43 -12.65
C PHE B 119 5.87 19.83 -11.19
N MET B 120 5.58 21.08 -10.80
CA MET B 120 5.68 21.47 -9.39
C MET B 120 4.39 21.03 -8.68
N LEU B 121 3.35 20.62 -9.46
CA LEU B 121 2.06 20.10 -8.96
C LEU B 121 2.10 18.59 -8.76
N ALA B 122 3.04 17.93 -9.44
CA ALA B 122 3.18 16.50 -9.44
C ALA B 122 3.76 15.96 -8.16
N GLU B 123 3.09 14.97 -7.57
CA GLU B 123 3.56 14.27 -6.38
C GLU B 123 4.34 13.05 -6.82
N PHE B 124 4.16 12.69 -8.08
CA PHE B 124 4.87 11.60 -8.72
C PHE B 124 6.14 12.12 -9.35
N ASP B 125 7.13 11.26 -9.57
CA ASP B 125 8.42 11.63 -10.20
C ASP B 125 8.35 11.55 -11.72
N GLY B 126 7.97 10.40 -12.26
CA GLY B 126 7.83 10.20 -13.69
C GLY B 126 6.53 9.57 -14.16
N VAL B 127 6.54 8.98 -15.38
CA VAL B 127 5.38 8.36 -16.03
C VAL B 127 5.78 7.03 -16.69
N VAL B 128 4.93 6.01 -16.57
CA VAL B 128 5.05 4.71 -17.22
C VAL B 128 3.88 4.69 -18.21
N GLY B 129 4.19 4.88 -19.49
CA GLY B 129 3.20 4.92 -20.56
C GLY B 129 2.71 3.52 -20.85
N MET B 130 1.37 3.33 -20.74
CA MET B 130 0.68 2.05 -20.93
C MET B 130 -0.04 1.97 -22.29
N GLY B 131 0.24 2.94 -23.16
CA GLY B 131 -0.29 3.00 -24.54
C GLY B 131 0.44 2.11 -25.52
N PHE B 132 0.11 2.23 -26.80
CA PHE B 132 0.66 1.43 -27.88
C PHE B 132 1.92 2.07 -28.48
N ILE B 133 2.75 1.26 -29.18
CA ILE B 133 3.97 1.76 -29.83
C ILE B 133 3.70 2.94 -30.81
N GLU B 134 2.54 2.92 -31.49
CA GLU B 134 2.07 3.93 -32.44
C GLU B 134 2.08 5.37 -31.86
N GLN B 135 2.04 5.50 -30.50
CA GLN B 135 2.02 6.81 -29.81
C GLN B 135 3.35 7.12 -29.10
N ALA B 136 4.29 6.17 -29.12
CA ALA B 136 5.57 6.33 -28.44
C ALA B 136 6.48 7.27 -29.21
N ILE B 137 6.86 8.38 -28.56
CA ILE B 137 7.76 9.41 -29.08
C ILE B 137 9.13 8.76 -29.26
N GLY B 138 9.65 8.88 -30.49
CA GLY B 138 10.92 8.27 -30.85
C GLY B 138 10.80 6.78 -31.12
N ARG B 139 9.55 6.29 -31.28
CA ARG B 139 9.15 4.91 -31.56
C ARG B 139 9.82 3.87 -30.62
N VAL B 140 9.97 4.23 -29.34
CA VAL B 140 10.57 3.39 -28.31
C VAL B 140 9.54 2.30 -27.93
N THR B 141 9.99 1.03 -27.80
CA THR B 141 9.15 -0.10 -27.43
C THR B 141 8.54 0.10 -26.03
N PRO B 142 7.19 0.17 -25.89
CA PRO B 142 6.60 0.37 -24.54
C PRO B 142 6.86 -0.80 -23.60
N ILE B 143 6.89 -0.50 -22.29
CA ILE B 143 7.15 -1.49 -21.23
C ILE B 143 6.19 -2.70 -21.25
N PHE B 144 4.90 -2.49 -21.60
CA PHE B 144 3.94 -3.60 -21.63
C PHE B 144 4.24 -4.55 -22.80
N ASP B 145 4.62 -3.99 -23.99
CA ASP B 145 5.02 -4.76 -25.18
C ASP B 145 6.27 -5.59 -24.81
N ASN B 146 7.21 -5.01 -24.02
CA ASN B 146 8.40 -5.72 -23.54
C ASN B 146 8.04 -6.79 -22.52
N ILE B 147 7.05 -6.52 -21.64
CA ILE B 147 6.59 -7.51 -20.64
C ILE B 147 5.88 -8.69 -21.35
N ILE B 148 5.06 -8.38 -22.40
CA ILE B 148 4.37 -9.36 -23.24
C ILE B 148 5.43 -10.31 -23.84
N SER B 149 6.50 -9.75 -24.42
CA SER B 149 7.60 -10.49 -25.04
C SER B 149 8.23 -11.56 -24.14
N GLN B 150 8.26 -11.34 -22.81
CA GLN B 150 8.82 -12.31 -21.85
C GLN B 150 8.03 -13.62 -21.76
N GLY B 151 6.76 -13.59 -22.17
CA GLY B 151 5.82 -14.71 -22.10
C GLY B 151 5.68 -15.20 -20.67
N VAL B 152 5.55 -14.25 -19.73
CA VAL B 152 5.45 -14.50 -18.30
C VAL B 152 4.00 -14.24 -17.77
N LEU B 153 3.25 -13.37 -18.45
CA LEU B 153 1.90 -12.99 -18.06
C LEU B 153 0.84 -14.05 -18.38
N LYS B 154 -0.12 -14.23 -17.44
CA LYS B 154 -1.23 -15.16 -17.55
C LYS B 154 -2.08 -14.78 -18.74
N GLU B 155 -2.33 -13.45 -18.95
CA GLU B 155 -3.12 -12.90 -20.07
C GLU B 155 -2.50 -11.58 -20.52
N ASP B 156 -2.69 -11.23 -21.79
CA ASP B 156 -2.14 -10.00 -22.38
C ASP B 156 -3.01 -8.82 -22.05
N VAL B 157 -3.23 -8.61 -20.73
CA VAL B 157 -4.10 -7.58 -20.17
C VAL B 157 -3.51 -6.94 -18.94
N PHE B 158 -3.99 -5.76 -18.62
CA PHE B 158 -3.62 -5.02 -17.42
C PHE B 158 -4.83 -4.25 -17.02
N SER B 159 -5.05 -4.13 -15.72
CA SER B 159 -6.26 -3.48 -15.26
C SER B 159 -6.02 -2.52 -14.12
N PHE B 160 -6.92 -1.53 -14.02
CA PHE B 160 -6.85 -0.44 -13.07
C PHE B 160 -8.01 -0.37 -12.09
N TYR B 161 -7.69 -0.04 -10.86
CA TYR B 161 -8.59 0.25 -9.75
C TYR B 161 -8.07 1.53 -9.14
N TYR B 162 -8.95 2.51 -9.00
CA TYR B 162 -8.71 3.84 -8.44
C TYR B 162 -9.78 4.01 -7.36
N ASN B 163 -9.37 4.17 -6.12
CA ASN B 163 -10.26 4.37 -4.99
C ASN B 163 -10.63 5.86 -4.77
N ARG B 164 -11.66 6.11 -3.93
CA ARG B 164 -12.12 7.43 -3.48
C ARG B 164 -11.15 7.83 -2.39
N ASP B 165 -10.86 9.14 -2.29
CA ASP B 165 -9.90 9.64 -1.31
C ASP B 165 -10.37 9.51 0.14
N SER B 166 -9.42 9.12 1.05
CA SER B 166 -9.65 8.90 2.50
C SER B 166 -8.42 9.31 3.33
N GLN B 170 -5.82 7.14 4.57
CA GLN B 170 -6.40 6.18 5.51
C GLN B 170 -6.48 4.74 4.95
N SER B 171 -6.75 4.62 3.61
CA SER B 171 -6.97 3.37 2.85
C SER B 171 -6.10 3.20 1.58
N LEU B 172 -6.35 2.10 0.81
CA LEU B 172 -5.68 1.74 -0.43
C LEU B 172 -6.00 2.79 -1.51
N GLY B 173 -4.97 3.39 -2.08
CA GLY B 173 -5.13 4.42 -3.12
C GLY B 173 -5.67 3.91 -4.44
N GLY B 174 -5.20 2.73 -4.81
CA GLY B 174 -5.59 2.09 -6.05
C GLY B 174 -4.69 0.89 -6.31
N GLN B 175 -4.85 0.25 -7.49
CA GLN B 175 -4.09 -0.93 -7.86
C GLN B 175 -4.09 -1.17 -9.37
N ILE B 176 -2.92 -1.52 -9.90
CA ILE B 176 -2.75 -1.93 -11.29
C ILE B 176 -2.37 -3.39 -11.18
N VAL B 177 -2.99 -4.25 -12.00
CA VAL B 177 -2.66 -5.68 -12.08
C VAL B 177 -2.17 -5.90 -13.51
N LEU B 178 -0.97 -6.44 -13.65
CA LEU B 178 -0.38 -6.78 -14.96
C LEU B 178 -0.61 -8.25 -15.15
N GLY B 179 -1.23 -8.63 -16.27
CA GLY B 179 -1.55 -10.03 -16.59
C GLY B 179 -2.97 -10.50 -16.24
N GLY B 180 -3.75 -9.65 -15.58
CA GLY B 180 -5.12 -9.97 -15.19
C GLY B 180 -5.89 -8.84 -14.54
N SER B 181 -6.83 -9.20 -13.66
CA SER B 181 -7.70 -8.30 -12.89
C SER B 181 -7.96 -8.86 -11.50
N ASP B 182 -8.15 -7.97 -10.50
CA ASP B 182 -8.38 -8.39 -9.11
C ASP B 182 -9.89 -8.35 -8.83
N PRO B 183 -10.53 -9.53 -8.63
CA PRO B 183 -11.99 -9.54 -8.36
C PRO B 183 -12.40 -8.91 -7.03
N GLN B 184 -11.46 -8.67 -6.11
CA GLN B 184 -11.79 -8.01 -4.83
C GLN B 184 -12.16 -6.54 -5.05
N HIS B 185 -11.83 -5.97 -6.25
CA HIS B 185 -12.11 -4.55 -6.53
C HIS B 185 -13.17 -4.31 -7.59
N TYR B 186 -13.86 -5.35 -8.04
CA TYR B 186 -14.98 -5.16 -8.94
C TYR B 186 -16.09 -6.16 -8.63
N GLU B 187 -17.30 -5.81 -9.07
CA GLU B 187 -18.46 -6.68 -8.96
C GLU B 187 -19.14 -6.89 -10.29
N GLY B 188 -19.69 -8.11 -10.40
CA GLY B 188 -20.32 -8.58 -11.62
C GLY B 188 -19.25 -9.07 -12.55
N ASN B 189 -19.53 -8.96 -13.84
CA ASN B 189 -18.62 -9.39 -14.90
C ASN B 189 -18.34 -8.21 -15.81
N PHE B 190 -17.25 -8.31 -16.56
CA PHE B 190 -16.82 -7.31 -17.50
C PHE B 190 -17.67 -7.34 -18.73
N HIS B 191 -18.03 -6.17 -19.22
CA HIS B 191 -18.63 -6.00 -20.54
C HIS B 191 -17.53 -5.23 -21.27
N TYR B 192 -17.20 -5.62 -22.53
CA TYR B 192 -16.13 -5.03 -23.34
C TYR B 192 -16.64 -4.15 -24.46
N ILE B 193 -15.77 -3.23 -24.89
CA ILE B 193 -15.98 -2.28 -25.99
C ILE B 193 -14.72 -2.38 -26.80
N ASN B 194 -14.86 -2.74 -28.07
CA ASN B 194 -13.70 -2.93 -28.94
C ASN B 194 -13.15 -1.59 -29.38
N LEU B 195 -11.83 -1.47 -29.49
CA LEU B 195 -11.15 -0.27 -29.94
C LEU B 195 -11.55 0.04 -31.38
N ILE B 196 -11.63 1.35 -31.73
CA ILE B 196 -11.97 1.79 -33.09
C ILE B 196 -10.88 1.27 -34.05
N LYS B 197 -9.60 1.44 -33.64
CA LYS B 197 -8.39 1.03 -34.33
C LYS B 197 -7.32 0.74 -33.30
N THR B 198 -6.33 -0.05 -33.67
CA THR B 198 -5.19 -0.37 -32.82
C THR B 198 -4.30 0.90 -32.74
N GLY B 199 -3.47 0.98 -31.70
CA GLY B 199 -2.58 2.12 -31.56
C GLY B 199 -2.97 3.16 -30.53
N VAL B 200 -4.26 3.20 -30.14
CA VAL B 200 -4.79 4.14 -29.17
C VAL B 200 -5.91 3.46 -28.35
N TRP B 201 -5.91 3.68 -27.01
CA TRP B 201 -6.91 3.10 -26.09
C TRP B 201 -8.17 3.94 -26.19
N GLN B 202 -8.73 4.05 -27.42
CA GLN B 202 -9.90 4.87 -27.77
C GLN B 202 -11.02 4.03 -28.33
N ILE B 203 -12.22 4.27 -27.84
CA ILE B 203 -13.43 3.54 -28.22
C ILE B 203 -14.46 4.51 -28.75
N GLN B 204 -15.51 4.00 -29.39
CA GLN B 204 -16.61 4.80 -29.92
C GLN B 204 -17.62 4.98 -28.79
N MET B 205 -18.10 6.23 -28.62
CA MET B 205 -19.12 6.55 -27.63
C MET B 205 -20.35 6.99 -28.40
N LYS B 206 -21.52 6.39 -28.09
CA LYS B 206 -22.79 6.61 -28.80
C LYS B 206 -23.71 7.70 -28.20
N GLY B 207 -23.25 8.44 -27.19
CA GLY B 207 -24.09 9.45 -26.53
C GLY B 207 -23.84 9.68 -25.05
N VAL B 208 -23.86 10.96 -24.65
CA VAL B 208 -23.72 11.44 -23.27
C VAL B 208 -25.07 12.01 -22.85
N SER B 209 -25.68 11.42 -21.84
CA SER B 209 -26.99 11.89 -21.42
C SER B 209 -27.01 12.51 -20.02
N VAL B 210 -27.73 13.62 -19.87
CA VAL B 210 -27.91 14.29 -18.59
C VAL B 210 -29.31 13.88 -18.06
N GLY B 211 -29.32 12.86 -17.20
CA GLY B 211 -30.53 12.30 -16.60
C GLY B 211 -31.09 11.18 -17.45
N SER B 212 -32.15 11.49 -18.23
CA SER B 212 -32.86 10.57 -19.13
C SER B 212 -32.64 10.98 -20.60
N SER B 213 -32.42 12.29 -20.85
CA SER B 213 -32.25 12.86 -22.18
C SER B 213 -30.80 12.87 -22.68
N THR B 214 -30.56 12.22 -23.87
CA THR B 214 -29.27 12.19 -24.58
C THR B 214 -29.02 13.60 -25.11
N LEU B 215 -28.38 14.38 -24.28
CA LEU B 215 -28.10 15.76 -24.53
C LEU B 215 -27.02 15.95 -25.57
N LEU B 216 -25.92 15.21 -25.41
CA LEU B 216 -24.73 15.36 -26.23
C LEU B 216 -24.30 14.06 -26.89
N CYS B 217 -23.43 14.17 -27.93
CA CYS B 217 -22.83 13.04 -28.65
C CYS B 217 -23.90 12.13 -29.29
N GLU B 218 -25.03 12.73 -29.73
CA GLU B 218 -26.17 12.01 -30.33
C GLU B 218 -25.84 11.25 -31.62
N ASP B 219 -24.93 11.82 -32.45
CA ASP B 219 -24.53 11.17 -33.70
C ASP B 219 -23.16 10.46 -33.57
N GLY B 220 -22.80 10.13 -32.34
CA GLY B 220 -21.57 9.44 -32.00
C GLY B 220 -20.36 10.34 -31.85
N CYS B 221 -19.41 9.92 -31.01
CA CYS B 221 -18.16 10.62 -30.74
C CYS B 221 -17.13 9.68 -30.15
N LEU B 222 -15.87 10.14 -29.99
CA LEU B 222 -14.74 9.33 -29.51
C LEU B 222 -14.53 9.41 -28.00
N ALA B 223 -14.12 8.29 -27.40
CA ALA B 223 -13.85 8.19 -25.97
C ALA B 223 -12.48 7.56 -25.72
N LEU B 224 -11.54 8.34 -25.21
CA LEU B 224 -10.20 7.88 -24.86
C LEU B 224 -10.25 7.46 -23.39
N VAL B 225 -9.87 6.21 -23.08
CA VAL B 225 -9.86 5.65 -21.73
C VAL B 225 -8.45 5.89 -21.16
N ASP B 226 -8.29 7.05 -20.53
CA ASP B 226 -7.03 7.61 -20.05
C ASP B 226 -6.81 7.56 -18.53
N THR B 227 -6.04 6.56 -18.08
CA THR B 227 -5.68 6.39 -16.69
C THR B 227 -4.81 7.54 -16.16
N GLY B 228 -4.12 8.24 -17.05
CA GLY B 228 -3.26 9.37 -16.70
C GLY B 228 -4.00 10.71 -16.60
N ALA B 229 -5.25 10.78 -17.02
CA ALA B 229 -6.05 11.99 -16.95
C ALA B 229 -6.82 11.98 -15.63
N SER B 230 -6.83 13.13 -14.93
CA SER B 230 -7.45 13.23 -13.63
C SER B 230 -8.97 13.14 -13.67
N TYR B 231 -9.58 13.64 -14.76
CA TYR B 231 -11.02 13.81 -14.84
C TYR B 231 -11.65 13.21 -16.06
N ILE B 232 -12.95 13.41 -16.22
CA ILE B 232 -13.68 13.10 -17.43
C ILE B 232 -13.60 14.47 -18.16
N SER B 233 -13.10 14.45 -19.41
CA SER B 233 -13.01 15.67 -20.19
C SER B 233 -13.69 15.48 -21.51
N GLY B 234 -14.30 16.55 -21.98
CA GLY B 234 -14.89 16.70 -23.29
C GLY B 234 -14.33 17.99 -23.87
N SER B 235 -14.73 18.32 -25.09
CA SER B 235 -14.29 19.57 -25.73
C SER B 235 -14.93 20.72 -24.96
N THR B 236 -14.41 21.96 -25.14
CA THR B 236 -14.92 23.18 -24.51
C THR B 236 -16.41 23.37 -24.80
N SER B 237 -16.85 23.11 -26.02
CA SER B 237 -18.27 23.26 -26.39
C SER B 237 -19.13 22.18 -25.76
N SER B 238 -18.64 20.92 -25.73
CA SER B 238 -19.36 19.80 -25.12
C SER B 238 -19.56 20.04 -23.64
N ILE B 239 -18.48 20.47 -22.95
CA ILE B 239 -18.50 20.74 -21.51
C ILE B 239 -19.37 22.00 -21.19
N GLU B 240 -19.35 23.03 -22.06
CA GLU B 240 -20.19 24.23 -21.89
C GLU B 240 -21.68 23.85 -21.88
N LYS B 241 -22.10 23.01 -22.85
CA LYS B 241 -23.47 22.50 -22.98
C LYS B 241 -23.83 21.65 -21.76
N LEU B 242 -22.94 20.69 -21.39
CA LEU B 242 -23.09 19.80 -20.24
C LEU B 242 -23.31 20.58 -18.92
N MET B 243 -22.46 21.57 -18.64
CA MET B 243 -22.53 22.38 -17.43
C MET B 243 -23.77 23.27 -17.37
N GLU B 244 -24.27 23.70 -18.54
CA GLU B 244 -25.50 24.49 -18.63
C GLU B 244 -26.68 23.61 -18.22
N ALA B 245 -26.65 22.33 -18.63
CA ALA B 245 -27.68 21.33 -18.28
C ALA B 245 -27.68 20.97 -16.79
N LEU B 246 -26.51 21.12 -16.12
CA LEU B 246 -26.38 20.80 -14.68
C LEU B 246 -26.66 22.02 -13.82
N GLY B 247 -26.51 23.19 -14.39
CA GLY B 247 -26.73 24.42 -13.68
C GLY B 247 -25.46 24.97 -13.09
N ALA B 248 -24.31 24.30 -13.37
CA ALA B 248 -22.98 24.68 -12.93
C ALA B 248 -22.49 25.89 -13.66
N LYS B 249 -21.92 26.87 -12.93
CA LYS B 249 -21.34 28.09 -13.49
C LYS B 249 -19.83 28.03 -13.40
N LYS B 250 -19.12 28.66 -14.35
CA LYS B 250 -17.67 28.72 -14.23
C LYS B 250 -17.32 29.87 -13.28
N ARG B 251 -16.58 29.54 -12.18
CA ARG B 251 -16.07 30.45 -11.16
C ARG B 251 -15.10 31.41 -11.89
N LEU B 252 -13.81 31.09 -11.83
CA LEU B 252 -12.75 31.86 -12.48
C LEU B 252 -11.94 30.92 -13.30
N PHE B 253 -11.67 29.72 -12.76
CA PHE B 253 -10.88 28.68 -13.40
C PHE B 253 -11.73 27.42 -13.68
N ASP B 254 -12.54 26.97 -12.68
CA ASP B 254 -13.35 25.75 -12.76
C ASP B 254 -14.83 25.99 -12.71
N TYR B 255 -15.61 24.95 -13.06
CA TYR B 255 -17.07 24.94 -12.99
C TYR B 255 -17.47 24.53 -11.56
N VAL B 256 -18.48 25.22 -11.03
CA VAL B 256 -18.91 25.03 -9.63
C VAL B 256 -20.41 24.97 -9.49
N VAL B 257 -20.89 24.44 -8.36
CA VAL B 257 -22.28 24.35 -7.90
C VAL B 257 -22.25 24.70 -6.39
N LYS B 258 -23.39 25.10 -5.77
CA LYS B 258 -23.44 25.36 -4.32
C LYS B 258 -23.29 23.96 -3.75
N CYS B 259 -22.41 23.74 -2.74
CA CYS B 259 -22.17 22.40 -2.19
C CYS B 259 -23.47 21.65 -1.78
N ASN B 260 -24.44 22.34 -1.19
CA ASN B 260 -25.73 21.72 -0.74
C ASN B 260 -26.58 21.18 -1.89
N GLU B 261 -26.40 21.75 -3.10
CA GLU B 261 -27.13 21.43 -4.30
C GLU B 261 -26.57 20.30 -5.11
N GLY B 262 -25.32 19.94 -4.85
CA GLY B 262 -24.65 18.82 -5.49
C GLY B 262 -25.52 17.58 -5.48
N PRO B 263 -26.05 17.15 -4.32
CA PRO B 263 -26.89 15.94 -4.29
C PRO B 263 -28.16 15.96 -5.13
N THR B 264 -28.53 17.10 -5.71
CA THR B 264 -29.76 17.29 -6.53
C THR B 264 -29.46 17.28 -8.04
N LEU B 265 -28.18 17.18 -8.40
CA LEU B 265 -27.73 17.19 -9.78
C LEU B 265 -28.06 15.82 -10.44
N PRO B 266 -28.47 15.84 -11.72
CA PRO B 266 -28.83 14.57 -12.38
C PRO B 266 -27.65 13.64 -12.67
N ASP B 267 -27.97 12.35 -12.84
CA ASP B 267 -27.03 11.31 -13.24
C ASP B 267 -26.51 11.65 -14.64
N ILE B 268 -25.25 11.32 -14.90
CA ILE B 268 -24.62 11.54 -16.21
C ILE B 268 -24.27 10.16 -16.74
N SER B 269 -24.76 9.82 -17.96
CA SER B 269 -24.52 8.52 -18.56
C SER B 269 -23.69 8.61 -19.80
N PHE B 270 -22.81 7.62 -19.96
CA PHE B 270 -21.93 7.50 -21.13
C PHE B 270 -22.31 6.19 -21.83
N HIS B 271 -22.83 6.30 -23.08
CA HIS B 271 -23.29 5.14 -23.86
C HIS B 271 -22.10 4.54 -24.60
N LEU B 272 -21.62 3.40 -24.08
CA LEU B 272 -20.48 2.68 -24.59
C LEU B 272 -20.85 1.19 -24.70
N GLY B 273 -20.60 0.60 -25.89
CA GLY B 273 -20.86 -0.80 -26.17
C GLY B 273 -22.31 -1.17 -26.06
N GLY B 274 -23.20 -0.24 -26.45
CA GLY B 274 -24.64 -0.47 -26.35
C GLY B 274 -25.18 -0.49 -24.94
N LYS B 275 -24.26 -0.31 -23.92
CA LYS B 275 -24.48 -0.24 -22.47
C LYS B 275 -24.43 1.23 -21.96
N GLU B 276 -24.99 1.49 -20.78
CA GLU B 276 -25.01 2.85 -20.28
C GLU B 276 -24.21 2.87 -18.99
N TYR B 277 -23.13 3.67 -18.98
CA TYR B 277 -22.24 3.83 -17.83
C TYR B 277 -22.60 5.13 -17.14
N THR B 278 -23.31 5.00 -16.01
CA THR B 278 -23.89 6.10 -15.27
C THR B 278 -23.06 6.52 -14.05
N LEU B 279 -22.86 7.83 -13.90
CA LEU B 279 -22.22 8.40 -12.71
C LEU B 279 -23.29 9.28 -12.03
N THR B 280 -23.50 9.08 -10.72
CA THR B 280 -24.43 9.93 -9.94
C THR B 280 -23.66 11.19 -9.57
N SER B 281 -24.32 12.21 -9.00
CA SER B 281 -23.61 13.44 -8.60
C SER B 281 -22.52 13.16 -7.53
N ALA B 282 -22.68 12.09 -6.75
CA ALA B 282 -21.70 11.71 -5.73
C ALA B 282 -20.40 11.21 -6.42
N ASP B 283 -20.49 10.83 -7.70
CA ASP B 283 -19.39 10.31 -8.48
C ASP B 283 -18.67 11.42 -9.23
N TYR B 284 -19.34 12.57 -9.48
CA TYR B 284 -18.68 13.62 -10.25
C TYR B 284 -18.56 15.00 -9.54
N VAL B 285 -19.13 15.17 -8.33
CA VAL B 285 -18.97 16.43 -7.58
C VAL B 285 -17.92 16.20 -6.48
N PHE B 286 -16.95 17.12 -6.35
CA PHE B 286 -15.99 17.06 -5.25
C PHE B 286 -16.73 17.67 -4.06
N GLN B 287 -17.46 16.80 -3.40
CA GLN B 287 -18.31 17.19 -2.29
C GLN B 287 -17.51 17.43 -1.00
N GLU B 288 -16.70 18.49 -0.99
CA GLU B 288 -15.85 18.95 0.11
C GLU B 288 -16.66 19.31 1.37
N SER B 289 -17.96 19.60 1.18
CA SER B 289 -18.98 19.89 2.20
C SER B 289 -20.33 19.77 1.54
N TYR B 290 -21.41 20.03 2.29
CA TYR B 290 -22.77 20.02 1.78
C TYR B 290 -23.44 21.30 2.27
N SER B 291 -22.59 22.35 2.42
CA SER B 291 -22.98 23.67 2.90
C SER B 291 -23.62 24.51 1.82
N SER B 292 -24.74 25.14 2.18
CA SER B 292 -25.49 26.10 1.36
C SER B 292 -24.74 27.45 1.26
N LYS B 293 -23.59 27.56 1.94
CA LYS B 293 -22.75 28.75 2.03
C LYS B 293 -21.37 28.58 1.30
N LYS B 294 -21.11 27.39 0.75
CA LYS B 294 -19.84 27.10 0.06
C LYS B 294 -20.06 26.62 -1.39
N LEU B 295 -19.02 26.82 -2.22
CA LEU B 295 -19.03 26.33 -3.61
C LEU B 295 -18.19 25.06 -3.76
N CYS B 296 -18.69 24.05 -4.52
CA CYS B 296 -18.03 22.75 -4.77
C CYS B 296 -17.62 22.60 -6.25
N THR B 297 -16.51 21.91 -6.51
CA THR B 297 -16.02 21.74 -7.88
C THR B 297 -16.43 20.41 -8.48
N LEU B 298 -16.38 20.32 -9.82
CA LEU B 298 -16.74 19.09 -10.52
C LEU B 298 -15.49 18.34 -10.98
N ALA B 299 -15.59 17.03 -11.10
CA ALA B 299 -14.48 16.20 -11.55
C ALA B 299 -14.58 15.96 -13.04
N ILE B 300 -15.20 16.94 -13.76
CA ILE B 300 -15.39 17.03 -15.21
C ILE B 300 -14.83 18.39 -15.65
N HIS B 301 -13.78 18.40 -16.49
CA HIS B 301 -13.14 19.63 -16.97
C HIS B 301 -13.10 19.67 -18.49
N ALA B 302 -13.02 20.85 -19.09
CA ALA B 302 -12.89 20.94 -20.55
C ALA B 302 -11.43 20.71 -20.93
N MET B 303 -11.22 20.01 -22.05
CA MET B 303 -9.92 19.72 -22.61
C MET B 303 -10.08 19.50 -24.08
N ASP B 304 -9.46 20.36 -24.87
CA ASP B 304 -9.52 20.22 -26.32
C ASP B 304 -8.25 19.50 -26.72
N ILE B 305 -8.39 18.19 -26.98
CA ILE B 305 -7.25 17.35 -27.36
C ILE B 305 -6.97 17.56 -28.86
N PRO B 306 -5.70 17.81 -29.26
CA PRO B 306 -5.43 18.06 -30.70
C PRO B 306 -5.32 16.75 -31.50
N PRO B 307 -5.53 16.80 -32.85
CA PRO B 307 -5.37 15.58 -33.67
C PRO B 307 -3.95 14.97 -33.61
N PRO B 308 -3.75 13.68 -33.94
CA PRO B 308 -4.73 12.68 -34.45
C PRO B 308 -5.75 12.18 -33.41
N THR B 309 -5.31 12.00 -32.12
CA THR B 309 -6.13 11.51 -30.99
C THR B 309 -7.45 12.28 -30.79
N GLY B 310 -7.38 13.61 -30.82
CA GLY B 310 -8.54 14.46 -30.65
C GLY B 310 -9.07 15.14 -31.92
N PRO B 311 -10.23 15.82 -31.87
CA PRO B 311 -11.13 16.01 -30.70
C PRO B 311 -11.71 14.66 -30.24
N THR B 312 -11.72 14.49 -28.91
CA THR B 312 -12.20 13.30 -28.22
C THR B 312 -12.57 13.63 -26.79
N TRP B 313 -13.40 12.78 -26.17
CA TRP B 313 -13.66 12.83 -24.74
C TRP B 313 -12.55 11.97 -24.14
N ALA B 314 -12.23 12.20 -22.88
CA ALA B 314 -11.27 11.38 -22.17
C ALA B 314 -11.95 10.99 -20.87
N LEU B 315 -12.00 9.69 -20.61
CA LEU B 315 -12.58 9.11 -19.41
C LEU B 315 -11.39 8.81 -18.51
N GLY B 316 -11.11 9.75 -17.62
CA GLY B 316 -9.99 9.68 -16.71
C GLY B 316 -10.36 9.08 -15.38
N ALA B 317 -9.65 9.49 -14.31
CA ALA B 317 -9.86 8.98 -12.98
C ALA B 317 -11.31 9.07 -12.49
N THR B 318 -12.06 10.13 -12.84
CA THR B 318 -13.48 10.27 -12.43
C THR B 318 -14.28 9.04 -12.88
N PHE B 319 -14.07 8.60 -14.13
CA PHE B 319 -14.76 7.43 -14.67
C PHE B 319 -14.26 6.13 -14.07
N ILE B 320 -12.93 5.95 -14.00
CA ILE B 320 -12.28 4.74 -13.47
C ILE B 320 -12.60 4.47 -11.98
N ARG B 321 -12.87 5.51 -11.18
CA ARG B 321 -13.23 5.29 -9.78
C ARG B 321 -14.53 4.51 -9.70
N LYS B 322 -15.51 4.87 -10.58
CA LYS B 322 -16.82 4.22 -10.71
C LYS B 322 -16.68 2.82 -11.35
N PHE B 323 -15.93 2.75 -12.48
CA PHE B 323 -15.75 1.55 -13.24
C PHE B 323 -14.31 1.04 -13.31
N TYR B 324 -14.08 -0.10 -12.68
CA TYR B 324 -12.82 -0.82 -12.69
C TYR B 324 -12.59 -1.17 -14.18
N THR B 325 -11.40 -0.82 -14.72
CA THR B 325 -11.10 -0.95 -16.14
C THR B 325 -10.02 -1.99 -16.48
N GLU B 326 -10.30 -2.85 -17.47
CA GLU B 326 -9.37 -3.85 -17.98
C GLU B 326 -8.99 -3.51 -19.45
N PHE B 327 -7.69 -3.39 -19.72
CA PHE B 327 -7.12 -3.05 -21.03
C PHE B 327 -6.56 -4.32 -21.62
N ASP B 328 -7.25 -4.83 -22.65
CA ASP B 328 -6.98 -6.08 -23.35
C ASP B 328 -6.18 -5.85 -24.65
N ARG B 329 -4.88 -6.16 -24.61
CA ARG B 329 -4.00 -6.02 -25.78
C ARG B 329 -4.24 -7.13 -26.81
N ARG B 330 -4.54 -8.34 -26.31
CA ARG B 330 -4.82 -9.52 -27.12
C ARG B 330 -6.01 -9.32 -28.08
N ASN B 331 -7.13 -8.74 -27.58
CA ASN B 331 -8.34 -8.60 -28.38
C ASN B 331 -8.67 -7.15 -28.76
N ASN B 332 -7.77 -6.21 -28.44
CA ASN B 332 -7.89 -4.77 -28.73
C ASN B 332 -9.25 -4.22 -28.31
N ARG B 333 -9.53 -4.36 -27.00
CA ARG B 333 -10.78 -3.94 -26.36
C ARG B 333 -10.51 -3.51 -24.91
N ILE B 334 -11.47 -2.76 -24.35
CA ILE B 334 -11.45 -2.29 -22.95
C ILE B 334 -12.71 -2.83 -22.27
N GLY B 335 -12.53 -3.47 -21.10
CA GLY B 335 -13.65 -3.99 -20.31
C GLY B 335 -13.90 -3.20 -19.05
N PHE B 336 -15.17 -2.98 -18.74
CA PHE B 336 -15.57 -2.29 -17.53
C PHE B 336 -16.43 -3.15 -16.62
N ALA B 337 -16.25 -2.99 -15.33
CA ALA B 337 -17.09 -3.62 -14.30
C ALA B 337 -17.22 -2.62 -13.17
N LEU B 338 -18.33 -2.66 -12.43
CA LEU B 338 -18.57 -1.74 -11.34
C LEU B 338 -17.55 -1.97 -10.22
N ALA B 339 -16.84 -0.90 -9.80
CA ALA B 339 -15.77 -0.98 -8.78
C ALA B 339 -16.28 -1.20 -7.38
N ARG B 340 -15.45 -1.82 -6.50
CA ARG B 340 -15.72 -2.18 -5.08
C ARG B 340 -14.57 -1.62 -4.25
C1 NAG C . 4.48 -25.40 36.76
C2 NAG C . 4.75 -26.46 37.83
C3 NAG C . 6.15 -27.10 37.75
C4 NAG C . 6.48 -27.48 36.32
C5 NAG C . 6.36 -26.25 35.42
C6 NAG C . 6.68 -26.52 33.97
C7 NAG C . 3.40 -26.17 39.88
C8 NAG C . 3.28 -25.40 41.17
N2 NAG C . 4.51 -25.92 39.16
O3 NAG C . 6.21 -28.26 38.57
O4 NAG C . 7.78 -28.07 36.27
O5 NAG C . 5.01 -25.76 35.46
O6 NAG C . 8.00 -27.05 33.80
O7 NAG C . 2.53 -26.96 39.51
C1 2XF D . 7.44 -6.68 23.15
C2 2XF D . 7.94 -6.95 21.71
N3 2XF D . 6.87 -6.78 20.69
C4 2XF D . 6.02 -5.56 20.76
C5 2XF D . 5.35 -5.61 22.16
C6 2XF D . 6.52 -5.42 23.19
C7 2XF D . 4.24 -4.59 22.43
N8 2XF D . 2.92 -4.89 22.68
O9 2XF D . 4.62 -3.43 22.49
N10 2XF D . 8.58 -6.64 24.10
C11 2XF D . 2.38 -6.27 22.71
C12 2XF D . 2.07 -3.81 23.18
C13 2XF D . 1.05 -6.54 21.97
C14 2XF D . 2.36 -7.09 21.40
C15 2XF D . 1.11 -2.99 22.30
C16 2XF D . 1.30 -2.80 20.92
C17 2XF D . 0.40 -1.97 20.21
C18 2XF D . -0.67 -1.32 20.85
C19 2XF D . -0.83 -1.48 22.24
C20 2XF D . 0.07 -2.30 22.95
CL1 2XF D . -0.16 -2.47 24.68
CL2 2XF D . -2.12 -0.64 23.10
C23 2XF D . 8.72 -7.71 24.95
O24 2XF D . 7.93 -8.64 24.97
O25 2XF D . 9.80 -7.64 25.75
C26 2XF D . 10.18 -8.72 26.68
C27 2XF D . 9.06 -9.23 27.67
C28 2XF D . 10.67 -9.91 25.79
C29 2XF D . 11.39 -8.28 27.55
S DMS E . 0.55 -5.62 16.78
O DMS E . -0.76 -6.12 16.35
C1 DMS E . 1.08 -4.60 15.41
C2 DMS E . 0.13 -4.43 18.02
S SO4 F . 0.78 3.99 7.21
O1 SO4 F . 0.79 4.96 6.12
O2 SO4 F . -0.64 3.81 7.59
O3 SO4 F . 1.34 2.72 6.70
O4 SO4 F . 1.57 4.43 8.36
C1 2XF G . -0.88 12.12 -21.75
C2 2XF G . -2.30 11.51 -21.88
N3 2XF G . -2.79 11.15 -20.52
C4 2XF G . -2.83 12.27 -19.53
C5 2XF G . -1.37 12.78 -19.38
C6 2XF G . -0.87 13.30 -20.75
C7 2XF G . -1.15 13.92 -18.41
N8 2XF G . -0.23 13.91 -17.37
O9 2XF G . -1.84 14.89 -18.66
N10 2XF G . -0.29 12.57 -23.01
C11 2XF G . 0.66 12.78 -17.11
C12 2XF G . -0.04 15.18 -16.65
C13 2XF G . 0.79 12.13 -15.72
C14 2XF G . 0.00 11.42 -16.81
C15 2XF G . -0.78 15.33 -15.32
C16 2XF G . -2.14 14.98 -15.15
C17 2XF G . -2.77 15.15 -13.90
C18 2XF G . -2.04 15.65 -12.82
C19 2XF G . -0.72 16.07 -13.01
C20 2XF G . -0.09 15.93 -14.23
CL1 2XF G . 1.58 16.45 -14.37
CL2 2XF G . 0.18 16.77 -11.68
C23 2XF G . 1.05 12.53 -23.16
O24 2XF G . 1.83 12.08 -22.30
O25 2XF G . 1.35 13.01 -24.38
C26 2XF G . 2.67 13.45 -24.86
C27 2XF G . 3.52 14.31 -23.87
C28 2XF G . 3.44 12.14 -25.21
C29 2XF G . 2.50 14.22 -26.21
S DMS H . -3.15 10.30 -13.11
O DMS H . -2.58 9.66 -11.91
C1 DMS H . -4.92 10.34 -12.95
C2 DMS H . -2.72 11.99 -12.94
S DMS I . -4.15 18.11 -10.57
O DMS I . -3.18 17.08 -10.09
C1 DMS I . -3.19 19.49 -11.08
C2 DMS I . -4.72 17.67 -12.18
#